data_9GRW
#
_entry.id   9GRW
#
_cell.length_a   140.194
_cell.length_b   91.485
_cell.length_c   73.448
_cell.angle_alpha   90
_cell.angle_beta   95.46
_cell.angle_gamma   90
#
_symmetry.space_group_name_H-M   'C 1 2 1'
#
loop_
_entity.id
_entity.type
_entity.pdbx_description
1 polymer 'Heparin lyase I'
2 non-polymer 'CALCIUM ION'
3 non-polymer 'ACETATE ION'
4 non-polymer 'SULFATE ION'
5 water water
#
_entity_poly.entity_id   1
_entity_poly.type   'polypeptide(L)'
_entity_poly.pdbx_seq_one_letter_code
;MAQVKNAETLVPLTKRVNVQADTARLDQIIDGCWVAVGTNKKHAIQRDFTRLFAGKPSYRFELRKEDNTLEGYGKGETKG
RAEFSYCYATSADFKGLPADAYRKAQITKTVYHHGKGICPQGVSRDYEFSVYIPSALDSNVSTIFAQWHGMPDRTLVQTP
EGEVKKLTVDEFLELDKTTIFKKNTGHEKVAKLDKQGNPLKDKKGNPVYKAGKKNGWLVEQGGYPPLAFGFSGGWFYIKA
NSDRRWLTDKTDRCNASPEKTPVMKPVTSKYKSSTIAYKMPFADFPKDCWVTFRVHIDWTTYGKEAENIVKPGKLDVQME
YTDKKKTVKEHIVNNEVIQIGRNDDDGYYFKFGIYRVGNSTVPVCYNLAGYKEELEHHHHHH
;
_entity_poly.pdbx_strand_id   A,B
#
# COMPACT_ATOMS: atom_id res chain seq x y z
N ALA A 7 -2.17 -12.44 48.67
CA ALA A 7 -3.44 -11.75 48.31
C ALA A 7 -3.11 -10.41 47.67
N GLU A 8 -3.07 -10.37 46.33
CA GLU A 8 -2.82 -9.15 45.59
C GLU A 8 -4.10 -8.32 45.54
N THR A 9 -3.93 -7.00 45.54
CA THR A 9 -5.03 -6.08 45.29
C THR A 9 -4.75 -5.33 43.98
N LEU A 10 -3.80 -4.38 44.02
CA LEU A 10 -3.42 -3.59 42.87
C LEU A 10 -1.92 -3.78 42.64
N VAL A 11 -1.54 -4.10 41.39
CA VAL A 11 -0.14 -4.32 41.04
C VAL A 11 0.29 -3.30 40.01
N PRO A 12 1.12 -2.29 40.40
CA PRO A 12 1.66 -1.32 39.44
C PRO A 12 2.34 -2.02 38.27
N LEU A 13 2.06 -1.53 37.06
CA LEU A 13 2.74 -1.92 35.84
C LEU A 13 3.39 -0.67 35.27
N THR A 14 4.68 -0.44 35.60
CA THR A 14 5.31 0.84 35.36
C THR A 14 6.19 0.82 34.09
N LYS A 15 6.38 -0.35 33.48
CA LYS A 15 7.24 -0.45 32.29
C LYS A 15 6.55 0.24 31.11
N ARG A 16 7.32 1.02 30.34
CA ARG A 16 6.80 1.79 29.23
C ARG A 16 7.63 1.57 27.98
N VAL A 17 6.98 1.53 26.82
CA VAL A 17 7.64 1.26 25.54
C VAL A 17 7.40 2.43 24.58
N ASN A 18 8.49 2.92 23.99
CA ASN A 18 8.39 3.84 22.87
C ASN A 18 8.13 3.02 21.60
N VAL A 19 6.85 2.83 21.27
CA VAL A 19 6.43 1.78 20.35
C VAL A 19 6.95 2.09 18.93
N GLN A 20 7.02 3.38 18.61
CA GLN A 20 7.43 3.81 17.27
C GLN A 20 8.92 3.61 17.07
N ALA A 21 9.72 3.74 18.13
CA ALA A 21 11.17 3.84 17.99
C ALA A 21 11.93 2.72 18.70
N ASP A 22 11.22 1.78 19.34
CA ASP A 22 11.91 0.74 20.10
C ASP A 22 11.10 -0.55 20.09
N THR A 23 11.82 -1.67 20.12
CA THR A 23 11.19 -2.95 20.42
C THR A 23 10.81 -2.98 21.90
N ALA A 24 9.70 -3.65 22.18
CA ALA A 24 9.30 -4.02 23.51
C ALA A 24 10.15 -5.21 23.95
N ARG A 25 10.76 -5.11 25.13
CA ARG A 25 11.44 -6.23 25.75
C ARG A 25 10.38 -7.20 26.25
N LEU A 26 10.73 -8.49 26.37
CA LEU A 26 9.81 -9.48 26.90
C LEU A 26 9.31 -9.08 28.28
N ASP A 27 10.18 -8.47 29.08
CA ASP A 27 9.82 -8.10 30.44
C ASP A 27 8.88 -6.90 30.45
N GLN A 28 8.70 -6.21 29.31
CA GLN A 28 7.79 -5.07 29.25
C GLN A 28 6.40 -5.44 28.77
N ILE A 29 6.23 -6.67 28.28
CA ILE A 29 4.98 -7.09 27.67
C ILE A 29 4.02 -7.55 28.75
N ILE A 30 2.76 -7.11 28.64
CA ILE A 30 1.74 -7.39 29.64
C ILE A 30 0.73 -8.40 29.09
N ASP A 31 0.58 -9.54 29.79
CA ASP A 31 -0.36 -10.59 29.43
C ASP A 31 -0.10 -11.10 28.01
N GLY A 32 1.15 -11.08 27.56
CA GLY A 32 1.52 -11.58 26.25
C GLY A 32 0.94 -10.78 25.09
N CYS A 33 0.33 -9.61 25.31
CA CYS A 33 -0.37 -8.97 24.20
C CYS A 33 -0.44 -7.43 24.29
N TRP A 34 0.03 -6.84 25.40
CA TRP A 34 -0.02 -5.40 25.58
C TRP A 34 1.38 -4.85 25.89
N VAL A 35 1.60 -3.59 25.49
CA VAL A 35 2.65 -2.79 26.10
C VAL A 35 2.01 -1.49 26.58
N ALA A 36 2.64 -0.85 27.57
CA ALA A 36 2.12 0.38 28.17
C ALA A 36 2.86 1.59 27.63
N VAL A 37 2.12 2.70 27.43
CA VAL A 37 2.69 3.95 26.97
C VAL A 37 2.22 5.08 27.89
N GLY A 38 3.04 6.14 27.99
CA GLY A 38 2.70 7.31 28.77
C GLY A 38 3.46 7.37 30.09
N THR A 39 2.96 8.20 31.03
CA THR A 39 3.63 8.43 32.30
C THR A 39 3.76 7.12 33.07
N ASN A 40 4.92 6.93 33.73
CA ASN A 40 5.27 5.65 34.36
C ASN A 40 5.07 5.68 35.88
N LYS A 41 4.29 6.64 36.39
CA LYS A 41 3.95 6.65 37.80
C LYS A 41 3.35 5.31 38.21
N LYS A 42 3.58 4.90 39.46
CA LYS A 42 3.10 3.61 39.93
C LYS A 42 1.58 3.54 39.85
N HIS A 43 0.91 4.65 40.14
CA HIS A 43 -0.54 4.69 40.14
C HIS A 43 -1.13 4.73 38.72
N ALA A 44 -0.32 5.02 37.71
CA ALA A 44 -0.88 5.32 36.40
C ALA A 44 -1.62 4.11 35.83
N ILE A 45 -1.00 2.92 35.95
CA ILE A 45 -1.57 1.69 35.43
C ILE A 45 -1.26 0.56 36.42
N GLN A 46 -2.32 -0.15 36.82
CA GLN A 46 -2.17 -1.23 37.77
C GLN A 46 -3.08 -2.38 37.36
N ARG A 47 -2.57 -3.61 37.49
CA ARG A 47 -3.41 -4.80 37.38
C ARG A 47 -4.29 -4.85 38.64
N ASP A 48 -5.61 -4.98 38.42
CA ASP A 48 -6.59 -4.80 39.48
C ASP A 48 -7.31 -6.12 39.76
N PHE A 49 -6.95 -6.75 40.89
CA PHE A 49 -7.59 -7.99 41.34
C PHE A 49 -8.85 -7.69 42.18
N THR A 50 -9.18 -6.41 42.40
CA THR A 50 -10.36 -6.05 43.17
C THR A 50 -11.52 -5.69 42.25
N ARG A 51 -11.29 -5.65 40.93
CA ARG A 51 -12.34 -5.42 39.95
C ARG A 51 -12.19 -6.43 38.82
N LEU A 52 -12.64 -7.66 39.05
CA LEU A 52 -12.46 -8.74 38.11
C LEU A 52 -13.46 -8.60 36.98
N PHE A 53 -13.07 -9.11 35.79
CA PHE A 53 -13.95 -9.15 34.64
C PHE A 53 -13.71 -10.46 33.91
N ALA A 54 -14.78 -11.26 33.79
CA ALA A 54 -14.71 -12.55 33.12
C ALA A 54 -13.66 -13.43 33.80
N GLY A 55 -13.61 -13.35 35.13
CA GLY A 55 -12.77 -14.23 35.92
C GLY A 55 -11.29 -13.86 35.90
N LYS A 56 -10.97 -12.63 35.43
CA LYS A 56 -9.59 -12.20 35.29
C LYS A 56 -9.43 -10.78 35.84
N PRO A 57 -8.21 -10.38 36.26
CA PRO A 57 -7.96 -9.00 36.67
C PRO A 57 -8.24 -8.03 35.53
N SER A 58 -8.75 -6.84 35.89
CA SER A 58 -8.83 -5.73 34.95
C SER A 58 -7.60 -4.85 35.09
N TYR A 59 -7.58 -3.76 34.33
CA TYR A 59 -6.53 -2.78 34.40
C TYR A 59 -7.14 -1.46 34.85
N ARG A 60 -6.57 -0.92 35.92
CA ARG A 60 -6.99 0.34 36.49
C ARG A 60 -6.05 1.44 36.01
N PHE A 61 -6.63 2.47 35.39
CA PHE A 61 -5.87 3.60 34.90
C PHE A 61 -6.22 4.83 35.74
N GLU A 62 -5.20 5.65 36.03
CA GLU A 62 -5.39 6.84 36.85
C GLU A 62 -4.42 7.93 36.44
N LEU A 63 -4.97 9.11 36.11
CA LEU A 63 -4.18 10.31 35.94
C LEU A 63 -4.68 11.35 36.93
N ARG A 64 -3.78 11.74 37.84
CA ARG A 64 -4.09 12.76 38.83
C ARG A 64 -3.92 14.12 38.17
N LYS A 65 -4.24 15.18 38.93
CA LYS A 65 -4.21 16.54 38.38
C LYS A 65 -2.85 16.86 37.77
N GLU A 66 -1.77 16.41 38.44
CA GLU A 66 -0.41 16.79 38.06
C GLU A 66 0.20 15.87 37.00
N ASP A 67 -0.59 14.97 36.42
CA ASP A 67 -0.05 13.86 35.63
C ASP A 67 -0.04 14.12 34.12
N ASN A 68 -0.28 15.36 33.68
CA ASN A 68 -0.06 15.66 32.27
C ASN A 68 1.44 15.79 32.04
N THR A 69 2.01 14.92 31.18
CA THR A 69 3.44 14.94 30.92
C THR A 69 3.72 15.32 29.47
N LEU A 70 2.67 15.54 28.66
CA LEU A 70 2.85 15.79 27.24
C LEU A 70 2.45 17.24 26.94
N GLU A 71 2.92 17.75 25.79
CA GLU A 71 2.51 19.06 25.29
C GLU A 71 1.42 18.88 24.24
N GLY A 72 0.39 19.72 24.33
CA GLY A 72 -0.66 19.79 23.32
C GLY A 72 -0.29 20.77 22.20
N TYR A 73 -1.11 20.74 21.15
CA TYR A 73 -0.95 21.60 19.99
C TYR A 73 -1.06 23.05 20.41
N GLY A 74 -2.01 23.37 21.30
CA GLY A 74 -2.29 24.75 21.68
C GLY A 74 -1.14 25.34 22.49
N LYS A 75 -1.00 26.67 22.40
CA LYS A 75 0.02 27.37 23.15
C LYS A 75 -0.23 27.19 24.65
N GLY A 76 0.79 26.69 25.36
CA GLY A 76 0.73 26.52 26.80
C GLY A 76 -0.15 25.34 27.23
N GLU A 77 -0.64 24.54 26.28
CA GLU A 77 -1.58 23.47 26.60
C GLU A 77 -0.80 22.18 26.88
N THR A 78 -1.36 21.31 27.72
CA THR A 78 -0.75 20.04 28.07
C THR A 78 -1.81 18.95 27.92
N LYS A 79 -1.32 17.71 27.87
CA LYS A 79 -2.19 16.54 27.82
C LYS A 79 -1.50 15.40 28.55
N GLY A 80 -2.27 14.36 28.84
CA GLY A 80 -1.80 13.25 29.64
C GLY A 80 -2.10 11.92 28.95
N ARG A 81 -1.29 10.91 29.26
CA ARG A 81 -1.43 9.60 28.64
C ARG A 81 -1.01 8.51 29.62
N ALA A 82 -1.89 7.53 29.78
CA ALA A 82 -1.55 6.24 30.35
C ALA A 82 -2.41 5.20 29.65
N GLU A 83 -1.81 4.46 28.71
CA GLU A 83 -2.56 3.60 27.82
C GLU A 83 -1.83 2.28 27.60
N PHE A 84 -2.59 1.28 27.17
CA PHE A 84 -2.04 0.06 26.59
C PHE A 84 -2.13 0.15 25.08
N SER A 85 -1.09 -0.32 24.38
CA SER A 85 -1.14 -0.50 22.93
C SER A 85 -1.12 -1.99 22.57
N TYR A 86 -2.03 -2.39 21.66
CA TYR A 86 -2.08 -3.74 21.16
C TYR A 86 -1.05 -3.94 20.05
N CYS A 87 -0.41 -2.84 19.61
CA CYS A 87 0.58 -2.89 18.53
C CYS A 87 1.95 -2.48 19.05
N TYR A 88 2.93 -3.36 18.82
CA TYR A 88 4.31 -3.14 19.21
C TYR A 88 5.16 -4.20 18.52
N ALA A 89 6.46 -3.94 18.35
CA ALA A 89 7.37 -4.92 17.80
C ALA A 89 8.26 -5.45 18.91
N THR A 90 8.77 -6.67 18.73
CA THR A 90 9.65 -7.32 19.69
C THR A 90 10.96 -7.65 19.00
N SER A 91 11.95 -8.12 19.78
CA SER A 91 13.19 -8.63 19.25
C SER A 91 12.94 -9.69 18.18
N ALA A 92 11.95 -10.56 18.44
CA ALA A 92 11.65 -11.68 17.56
C ALA A 92 11.24 -11.17 16.18
N ASP A 93 10.57 -10.02 16.11
CA ASP A 93 10.14 -9.45 14.84
C ASP A 93 11.34 -9.10 13.94
N PHE A 94 12.48 -8.79 14.55
CA PHE A 94 13.68 -8.39 13.82
C PHE A 94 14.67 -9.54 13.70
N LYS A 95 14.34 -10.71 14.26
CA LYS A 95 15.19 -11.88 14.13
C LYS A 95 15.35 -12.22 12.65
N GLY A 96 16.60 -12.41 12.22
CA GLY A 96 16.90 -12.84 10.86
C GLY A 96 16.84 -11.70 9.84
N LEU A 97 16.51 -10.48 10.27
CA LEU A 97 16.54 -9.32 9.40
C LEU A 97 17.97 -8.84 9.20
N PRO A 98 18.25 -8.03 8.15
CA PRO A 98 19.56 -7.37 8.01
C PRO A 98 19.98 -6.65 9.29
N ALA A 99 21.30 -6.64 9.52
CA ALA A 99 21.88 -6.21 10.78
C ALA A 99 21.47 -4.78 11.13
N ASP A 100 21.43 -3.90 10.11
CA ASP A 100 21.21 -2.49 10.34
C ASP A 100 19.73 -2.12 10.27
N ALA A 101 18.85 -3.14 10.17
CA ALA A 101 17.43 -2.89 9.93
C ALA A 101 16.78 -2.19 11.13
N TYR A 102 17.09 -2.70 12.33
CA TYR A 102 16.53 -2.15 13.56
C TYR A 102 16.92 -0.68 13.71
N ARG A 103 18.19 -0.36 13.52
CA ARG A 103 18.68 1.00 13.73
C ARG A 103 17.91 1.97 12.83
N LYS A 104 17.79 1.65 11.54
CA LYS A 104 17.09 2.50 10.60
C LYS A 104 15.61 2.64 10.99
N ALA A 105 15.01 1.57 11.53
CA ALA A 105 13.64 1.59 12.01
C ALA A 105 13.48 2.53 13.22
N GLN A 106 14.50 2.59 14.08
CA GLN A 106 14.48 3.50 15.22
C GLN A 106 14.47 4.96 14.76
N ILE A 107 15.33 5.27 13.78
CA ILE A 107 15.52 6.65 13.34
C ILE A 107 14.25 7.12 12.62
N THR A 108 13.65 6.24 11.81
CA THR A 108 12.48 6.59 11.02
C THR A 108 11.21 6.49 11.87
N LYS A 109 11.28 5.85 13.03
CA LYS A 109 10.12 5.63 13.88
C LYS A 109 9.14 4.67 13.20
N THR A 110 9.69 3.55 12.69
CA THR A 110 8.91 2.55 11.98
C THR A 110 9.03 1.19 12.67
N VAL A 111 9.51 1.15 13.92
CA VAL A 111 9.75 -0.12 14.57
C VAL A 111 8.45 -0.91 14.66
N TYR A 112 7.37 -0.26 15.10
CA TYR A 112 6.08 -0.90 15.27
C TYR A 112 5.47 -1.37 13.93
N HIS A 113 5.98 -0.89 12.79
CA HIS A 113 5.55 -1.42 11.50
C HIS A 113 5.82 -2.92 11.38
N HIS A 114 6.82 -3.43 12.10
CA HIS A 114 7.22 -4.83 12.04
C HIS A 114 6.52 -5.71 13.08
N GLY A 115 5.58 -5.15 13.84
CA GLY A 115 4.97 -5.87 14.95
C GLY A 115 3.55 -6.37 14.63
N LYS A 116 2.96 -7.07 15.60
CA LYS A 116 1.60 -7.55 15.49
C LYS A 116 0.62 -6.42 15.80
N GLY A 117 -0.66 -6.69 15.53
CA GLY A 117 -1.75 -5.85 15.98
C GLY A 117 -2.07 -4.70 15.01
N ILE A 118 -1.69 -4.83 13.73
CA ILE A 118 -2.00 -3.80 12.74
C ILE A 118 -3.17 -4.29 11.89
N CYS A 119 -4.24 -3.51 11.81
CA CYS A 119 -5.27 -3.73 10.82
C CYS A 119 -4.89 -2.96 9.55
N PRO A 120 -4.57 -3.63 8.43
CA PRO A 120 -4.16 -2.92 7.21
C PRO A 120 -5.21 -1.95 6.68
N GLN A 121 -4.75 -0.98 5.88
CA GLN A 121 -5.64 -0.11 5.12
C GLN A 121 -6.73 -0.96 4.44
N GLY A 122 -7.98 -0.54 4.57
CA GLY A 122 -9.09 -1.10 3.80
C GLY A 122 -9.64 -2.41 4.36
N VAL A 123 -8.97 -3.02 5.34
CA VAL A 123 -9.37 -4.32 5.86
C VAL A 123 -10.32 -4.14 7.04
N SER A 124 -11.55 -4.65 6.91
CA SER A 124 -12.53 -4.62 7.98
C SER A 124 -12.03 -5.44 9.16
N ARG A 125 -12.43 -5.01 10.37
CA ARG A 125 -12.10 -5.75 11.58
C ARG A 125 -13.16 -5.49 12.65
N ASP A 126 -13.38 -6.52 13.47
CA ASP A 126 -14.28 -6.47 14.60
C ASP A 126 -13.46 -6.40 15.88
N TYR A 127 -14.00 -5.67 16.86
CA TYR A 127 -13.33 -5.43 18.13
C TYR A 127 -14.34 -5.54 19.27
N GLU A 128 -13.84 -5.89 20.45
CA GLU A 128 -14.65 -5.89 21.65
C GLU A 128 -13.81 -5.47 22.86
N PHE A 129 -14.42 -4.71 23.79
CA PHE A 129 -13.76 -4.34 25.03
C PHE A 129 -14.81 -3.85 26.03
N SER A 130 -14.43 -3.83 27.32
CA SER A 130 -15.35 -3.43 28.37
C SER A 130 -14.71 -2.37 29.25
N VAL A 131 -15.56 -1.46 29.77
CA VAL A 131 -15.09 -0.36 30.60
C VAL A 131 -15.96 -0.29 31.85
N TYR A 132 -15.34 0.15 32.95
CA TYR A 132 -15.97 0.26 34.26
C TYR A 132 -15.72 1.68 34.76
N ILE A 133 -16.78 2.50 34.77
CA ILE A 133 -16.69 3.89 35.15
C ILE A 133 -17.20 4.04 36.59
N PRO A 134 -16.31 4.33 37.55
CA PRO A 134 -16.74 4.58 38.93
C PRO A 134 -17.67 5.80 39.01
N SER A 135 -18.60 5.75 39.96
CA SER A 135 -19.44 6.89 40.33
C SER A 135 -18.60 8.12 40.68
N ALA A 136 -17.34 7.89 41.08
CA ALA A 136 -16.46 8.97 41.50
C ALA A 136 -15.95 9.79 40.32
N LEU A 137 -16.02 9.26 39.10
CA LEU A 137 -15.46 9.97 37.96
C LEU A 137 -16.23 11.28 37.74
N ASP A 138 -15.51 12.40 37.67
CA ASP A 138 -16.12 13.71 37.56
C ASP A 138 -16.76 13.89 36.18
N SER A 139 -17.91 14.54 36.14
CA SER A 139 -18.67 14.69 34.90
C SER A 139 -17.99 15.59 33.87
N ASN A 140 -16.95 16.35 34.26
CA ASN A 140 -16.32 17.28 33.35
C ASN A 140 -14.93 16.79 32.95
N VAL A 141 -14.71 15.47 33.07
CA VAL A 141 -13.49 14.87 32.55
C VAL A 141 -13.45 15.06 31.03
N SER A 142 -12.23 15.08 30.52
CA SER A 142 -11.97 15.22 29.10
C SER A 142 -10.96 14.15 28.72
N THR A 143 -11.46 12.95 28.40
CA THR A 143 -10.59 11.80 28.25
C THR A 143 -11.11 10.88 27.16
N ILE A 144 -10.17 10.31 26.40
CA ILE A 144 -10.46 9.22 25.48
C ILE A 144 -10.04 7.92 26.17
N PHE A 145 -10.97 6.95 26.25
CA PHE A 145 -10.71 5.71 26.96
C PHE A 145 -10.47 4.53 26.01
N ALA A 146 -10.77 4.71 24.72
CA ALA A 146 -10.39 3.75 23.71
C ALA A 146 -10.23 4.46 22.38
N GLN A 147 -9.17 4.14 21.65
CA GLN A 147 -8.99 4.79 20.37
C GLN A 147 -8.33 3.84 19.39
N TRP A 148 -8.67 4.07 18.12
CA TRP A 148 -8.05 3.39 17.00
C TRP A 148 -7.13 4.38 16.31
N HIS A 149 -5.82 4.08 16.30
CA HIS A 149 -4.81 5.05 15.95
C HIS A 149 -4.21 4.69 14.60
N GLY A 150 -3.88 5.70 13.79
CA GLY A 150 -3.28 5.49 12.49
C GLY A 150 -1.76 5.38 12.56
N MET A 151 -1.13 5.26 11.38
CA MET A 151 0.31 4.99 11.30
C MET A 151 0.91 5.84 10.19
N PRO A 152 1.37 7.06 10.53
CA PRO A 152 1.93 8.00 9.56
C PRO A 152 3.01 7.41 8.64
N ASP A 153 3.13 7.99 7.45
CA ASP A 153 4.21 7.66 6.54
C ASP A 153 5.47 8.41 6.99
N ARG A 154 6.51 7.67 7.35
CA ARG A 154 7.60 8.24 8.13
C ARG A 154 8.70 8.88 7.28
N THR A 155 8.70 8.67 5.95
CA THR A 155 9.67 9.35 5.10
C THR A 155 8.96 10.36 4.20
N LEU A 156 7.69 10.65 4.51
CA LEU A 156 6.93 11.65 3.80
C LEU A 156 7.19 13.00 4.47
N VAL A 157 7.76 13.94 3.70
CA VAL A 157 8.27 15.19 4.24
C VAL A 157 7.72 16.36 3.43
N GLN A 158 7.88 17.57 3.99
CA GLN A 158 7.67 18.80 3.27
C GLN A 158 8.93 19.66 3.40
N THR A 159 9.43 20.15 2.27
CA THR A 159 10.60 21.01 2.25
C THR A 159 10.25 22.41 2.76
N PRO A 160 11.24 23.22 3.16
CA PRO A 160 10.99 24.63 3.49
C PRO A 160 10.27 25.40 2.38
N GLU A 161 10.46 24.99 1.13
CA GLU A 161 9.86 25.65 -0.03
C GLU A 161 8.42 25.19 -0.24
N GLY A 162 7.97 24.12 0.44
CA GLY A 162 6.57 23.74 0.41
C GLY A 162 6.28 22.49 -0.44
N GLU A 163 7.31 21.79 -0.91
CA GLU A 163 7.08 20.59 -1.71
C GLU A 163 6.85 19.39 -0.80
N VAL A 164 5.73 18.68 -1.01
CA VAL A 164 5.43 17.45 -0.31
C VAL A 164 6.03 16.29 -1.12
N LYS A 165 6.88 15.48 -0.49
CA LYS A 165 7.51 14.38 -1.20
C LYS A 165 7.83 13.24 -0.24
N LYS A 166 7.78 12.01 -0.76
CA LYS A 166 8.22 10.85 0.00
C LYS A 166 9.60 10.47 -0.47
N LEU A 167 10.52 10.28 0.48
CA LEU A 167 11.90 9.93 0.19
C LEU A 167 12.16 8.45 0.44
N THR A 168 13.22 7.92 -0.19
CA THR A 168 13.76 6.62 0.17
C THR A 168 14.23 6.71 1.62
N VAL A 169 14.32 5.54 2.27
CA VAL A 169 14.82 5.50 3.62
C VAL A 169 16.23 6.09 3.67
N ASP A 170 17.08 5.76 2.69
CA ASP A 170 18.44 6.26 2.69
C ASP A 170 18.47 7.78 2.58
N GLU A 171 17.58 8.36 1.78
CA GLU A 171 17.56 9.80 1.58
C GLU A 171 17.07 10.49 2.86
N PHE A 172 16.11 9.85 3.54
CA PHE A 172 15.58 10.38 4.80
C PHE A 172 16.66 10.33 5.88
N LEU A 173 17.45 9.25 5.90
CA LEU A 173 18.56 9.12 6.83
C LEU A 173 19.58 10.23 6.61
N GLU A 174 19.80 10.63 5.35
CA GLU A 174 20.70 11.73 5.02
C GLU A 174 20.18 13.03 5.60
N LEU A 175 18.89 13.31 5.36
CA LEU A 175 18.20 14.47 5.93
C LEU A 175 18.37 14.51 7.44
N ASP A 176 18.21 13.35 8.10
CA ASP A 176 18.22 13.23 9.55
C ASP A 176 19.60 13.50 10.16
N LYS A 177 20.64 13.64 9.33
CA LYS A 177 21.96 14.01 9.80
C LYS A 177 21.98 15.44 10.32
N THR A 178 21.19 16.33 9.70
CA THR A 178 21.23 17.76 9.97
C THR A 178 19.87 18.30 10.39
N THR A 179 18.79 17.54 10.17
CA THR A 179 17.47 17.91 10.67
C THR A 179 17.11 16.97 11.81
N ILE A 180 16.53 17.54 12.87
CA ILE A 180 15.88 16.78 13.93
C ILE A 180 14.41 17.20 13.94
N PHE A 181 13.52 16.19 13.94
CA PHE A 181 12.08 16.41 13.98
C PHE A 181 11.58 16.30 15.42
N LYS A 182 10.90 17.36 15.88
CA LYS A 182 10.15 17.35 17.13
C LYS A 182 8.69 17.22 16.72
N LYS A 183 8.11 16.04 16.96
CA LYS A 183 6.82 15.70 16.37
C LYS A 183 6.94 15.81 14.85
N ASN A 184 6.20 16.75 14.25
CA ASN A 184 6.20 16.87 12.80
C ASN A 184 7.13 17.98 12.31
N THR A 185 7.73 18.74 13.24
CA THR A 185 8.37 20.02 12.91
C THR A 185 9.89 19.83 12.90
N GLY A 186 10.53 20.23 11.80
CA GLY A 186 11.96 20.07 11.66
C GLY A 186 12.71 21.27 12.25
N HIS A 187 13.86 20.94 12.85
CA HIS A 187 14.74 21.94 13.45
C HIS A 187 16.16 21.59 13.05
N GLU A 188 17.04 22.60 13.04
CA GLU A 188 18.47 22.39 12.93
C GLU A 188 18.92 21.46 14.05
N LYS A 189 19.70 20.44 13.68
CA LYS A 189 20.21 19.51 14.66
C LYS A 189 21.48 20.07 15.29
N VAL A 190 21.50 20.10 16.63
CA VAL A 190 22.60 20.63 17.41
C VAL A 190 22.84 19.70 18.59
N ALA A 191 23.92 19.96 19.34
CA ALA A 191 24.27 19.22 20.54
C ALA A 191 24.01 20.07 21.79
N LYS A 192 23.48 19.40 22.82
CA LYS A 192 23.09 20.04 24.07
C LYS A 192 24.31 20.29 24.94
N LEU A 193 24.23 21.39 25.71
CA LEU A 193 25.25 21.79 26.66
C LEU A 193 24.70 21.66 28.08
N ASP A 194 25.59 21.54 29.06
CA ASP A 194 25.23 21.65 30.47
C ASP A 194 25.10 23.14 30.82
N LYS A 195 24.76 23.42 32.10
CA LYS A 195 24.55 24.77 32.60
C LYS A 195 25.84 25.59 32.59
N GLN A 196 26.99 24.94 32.40
CA GLN A 196 28.26 25.64 32.33
C GLN A 196 28.68 25.94 30.90
N GLY A 197 27.90 25.44 29.93
CA GLY A 197 28.22 25.61 28.51
C GLY A 197 29.21 24.55 28.01
N ASN A 198 29.24 23.38 28.67
CA ASN A 198 30.10 22.29 28.25
C ASN A 198 29.22 21.18 27.65
N PRO A 199 29.66 20.52 26.54
CA PRO A 199 28.79 19.56 25.86
C PRO A 199 28.45 18.38 26.76
N LEU A 200 27.20 17.95 26.72
CA LEU A 200 26.79 16.74 27.40
C LEU A 200 27.25 15.53 26.58
N LYS A 201 27.69 14.48 27.29
CA LYS A 201 27.96 13.19 26.69
C LYS A 201 27.00 12.16 27.30
N ASP A 202 26.50 11.25 26.46
CA ASP A 202 25.55 10.23 26.91
C ASP A 202 26.34 9.07 27.53
N LYS A 203 25.66 7.93 27.74
CA LYS A 203 26.23 6.78 28.40
C LYS A 203 27.38 6.16 27.58
N LYS A 204 27.38 6.38 26.26
CA LYS A 204 28.41 5.79 25.41
C LYS A 204 29.42 6.85 24.93
N GLY A 205 29.34 8.06 25.47
CA GLY A 205 30.31 9.11 25.18
C GLY A 205 29.94 9.96 23.96
N ASN A 206 28.71 9.82 23.47
CA ASN A 206 28.26 10.54 22.28
C ASN A 206 27.58 11.85 22.67
N PRO A 207 27.44 12.82 21.72
CA PRO A 207 26.67 14.04 21.96
C PRO A 207 25.20 13.74 22.20
N VAL A 208 24.55 14.58 23.00
CA VAL A 208 23.10 14.56 23.17
C VAL A 208 22.50 15.51 22.13
N TYR A 209 21.71 14.97 21.20
CA TYR A 209 21.15 15.79 20.13
C TYR A 209 20.00 16.63 20.69
N LYS A 210 19.81 17.81 20.09
CA LYS A 210 18.84 18.78 20.55
C LYS A 210 18.31 19.54 19.33
N ALA A 211 17.07 20.01 19.43
CA ALA A 211 16.46 20.86 18.42
C ALA A 211 16.93 22.30 18.57
N GLY A 212 17.63 22.80 17.54
CA GLY A 212 17.87 24.22 17.37
C GLY A 212 16.67 24.91 16.73
N LYS A 213 16.92 25.96 15.96
CA LYS A 213 15.83 26.71 15.36
C LYS A 213 15.05 25.85 14.35
N LYS A 214 13.76 26.17 14.18
CA LYS A 214 12.95 25.58 13.12
C LYS A 214 13.60 25.89 11.77
N ASN A 215 13.58 24.91 10.87
CA ASN A 215 14.29 25.05 9.59
C ASN A 215 13.36 24.92 8.39
N GLY A 216 12.04 24.88 8.61
CA GLY A 216 11.09 24.82 7.50
C GLY A 216 10.65 23.39 7.12
N TRP A 217 11.43 22.37 7.48
CA TRP A 217 11.08 20.99 7.15
C TRP A 217 9.91 20.50 8.01
N LEU A 218 9.06 19.67 7.41
CA LEU A 218 8.04 18.93 8.14
C LEU A 218 8.16 17.44 7.79
N VAL A 219 7.66 16.58 8.69
CA VAL A 219 7.51 15.16 8.42
C VAL A 219 6.11 14.76 8.89
N GLU A 220 5.59 13.64 8.36
CA GLU A 220 4.26 13.22 8.77
C GLU A 220 4.34 12.68 10.19
N GLN A 221 3.41 13.17 11.03
CA GLN A 221 3.31 12.80 12.43
C GLN A 221 1.98 13.31 12.98
N GLY A 222 1.40 12.58 13.95
CA GLY A 222 0.23 13.05 14.67
C GLY A 222 -1.04 13.04 13.83
N GLY A 223 -2.01 13.87 14.20
CA GLY A 223 -3.34 13.84 13.61
C GLY A 223 -4.36 13.21 14.56
N TYR A 224 -5.64 13.45 14.30
CA TYR A 224 -6.71 12.89 15.11
C TYR A 224 -6.80 11.38 14.91
N PRO A 225 -7.21 10.63 15.95
CA PRO A 225 -7.39 9.19 15.84
C PRO A 225 -8.63 8.90 15.00
N PRO A 226 -8.55 7.97 14.02
CA PRO A 226 -9.72 7.53 13.26
C PRO A 226 -11.00 7.23 14.05
N LEU A 227 -10.85 6.62 15.22
CA LEU A 227 -12.01 6.37 16.07
C LEU A 227 -11.64 6.58 17.53
N ALA A 228 -12.53 7.23 18.29
CA ALA A 228 -12.30 7.51 19.69
C ALA A 228 -13.60 7.37 20.47
N PHE A 229 -13.53 6.61 21.56
CA PHE A 229 -14.56 6.59 22.58
C PHE A 229 -14.06 7.44 23.75
N GLY A 230 -14.88 8.37 24.23
CA GLY A 230 -14.46 9.22 25.34
C GLY A 230 -15.58 10.03 25.98
N PHE A 231 -15.18 10.88 26.92
CA PHE A 231 -16.06 11.84 27.56
C PHE A 231 -15.50 13.23 27.34
N SER A 232 -16.41 14.18 27.09
CA SER A 232 -16.04 15.57 26.92
C SER A 232 -17.27 16.45 27.13
N GLY A 233 -17.09 17.54 27.88
CA GLY A 233 -18.14 18.53 28.13
C GLY A 233 -19.41 17.94 28.74
N GLY A 234 -19.30 16.83 29.48
CA GLY A 234 -20.45 16.20 30.11
C GLY A 234 -21.19 15.25 29.17
N TRP A 235 -20.49 14.77 28.14
CA TRP A 235 -21.04 13.84 27.16
C TRP A 235 -20.08 12.67 26.98
N PHE A 236 -20.63 11.44 27.02
CA PHE A 236 -19.98 10.30 26.42
C PHE A 236 -20.17 10.43 24.92
N TYR A 237 -19.13 10.08 24.13
CA TYR A 237 -19.22 10.21 22.68
C TYR A 237 -18.40 9.11 22.01
N ILE A 238 -18.84 8.76 20.79
CA ILE A 238 -18.03 8.02 19.83
C ILE A 238 -17.80 8.93 18.64
N LYS A 239 -16.53 9.12 18.28
CA LYS A 239 -16.16 10.09 17.26
C LYS A 239 -15.28 9.43 16.21
N ALA A 240 -15.66 9.60 14.93
CA ALA A 240 -14.90 9.06 13.81
C ALA A 240 -14.25 10.20 13.02
N ASN A 241 -12.96 10.05 12.70
CA ASN A 241 -12.22 11.05 11.96
C ASN A 241 -11.66 10.45 10.67
N SER A 242 -11.61 11.28 9.62
CA SER A 242 -11.04 10.91 8.34
C SER A 242 -10.11 12.02 7.86
N ASP A 243 -8.99 11.63 7.22
CA ASP A 243 -8.01 12.57 6.70
C ASP A 243 -7.48 12.01 5.37
N ARG A 244 -7.90 12.61 4.25
CA ARG A 244 -7.56 12.09 2.93
C ARG A 244 -6.31 12.77 2.36
N ARG A 245 -5.77 13.76 3.07
CA ARG A 245 -4.58 14.46 2.60
C ARG A 245 -3.40 13.49 2.69
N TRP A 246 -2.50 13.52 1.71
CA TRP A 246 -1.40 12.58 1.69
C TRP A 246 -0.50 12.86 2.88
N LEU A 247 -0.06 14.12 3.00
CA LEU A 247 0.59 14.59 4.22
C LEU A 247 -0.45 15.27 5.11
N THR A 248 -0.71 14.67 6.28
CA THR A 248 -1.59 15.26 7.28
C THR A 248 -1.12 16.67 7.60
N ASP A 249 -2.07 17.62 7.51
CA ASP A 249 -1.90 18.98 7.98
C ASP A 249 -2.45 19.09 9.40
N LYS A 250 -1.53 19.23 10.37
CA LYS A 250 -1.86 19.33 11.77
C LYS A 250 -2.52 20.67 12.11
N THR A 251 -2.36 21.68 11.25
CA THR A 251 -2.93 23.00 11.50
C THR A 251 -4.43 22.99 11.18
N ASP A 252 -4.93 21.97 10.48
CA ASP A 252 -6.34 21.84 10.17
C ASP A 252 -7.04 21.15 11.34
N ARG A 253 -7.65 21.96 12.22
CA ARG A 253 -8.17 21.50 13.50
C ARG A 253 -9.64 21.08 13.37
N CYS A 254 -9.90 20.18 12.42
CA CYS A 254 -11.22 19.65 12.15
C CYS A 254 -11.56 18.57 13.17
N ASN A 255 -12.26 18.98 14.24
CA ASN A 255 -12.56 18.11 15.36
C ASN A 255 -13.94 18.47 15.91
N ALA A 256 -14.85 17.49 15.91
CA ALA A 256 -16.19 17.73 16.39
C ALA A 256 -16.21 17.71 17.91
N SER A 257 -17.13 18.50 18.47
CA SER A 257 -17.46 18.45 19.89
C SER A 257 -18.80 17.73 20.07
N PRO A 258 -18.90 16.68 20.93
CA PRO A 258 -20.18 16.04 21.22
C PRO A 258 -21.26 17.02 21.64
N GLU A 259 -20.86 18.01 22.43
CA GLU A 259 -21.78 18.95 23.04
C GLU A 259 -22.76 19.45 21.98
N LYS A 260 -22.25 20.18 21.01
CA LYS A 260 -23.11 20.93 20.11
C LYS A 260 -23.24 20.27 18.74
N THR A 261 -22.23 19.50 18.29
CA THR A 261 -22.33 18.86 16.98
C THR A 261 -23.43 17.80 17.01
N PRO A 262 -24.47 17.88 16.14
CA PRO A 262 -25.50 16.84 16.09
C PRO A 262 -24.90 15.53 15.60
N VAL A 263 -25.55 14.41 15.94
CA VAL A 263 -25.05 13.09 15.63
C VAL A 263 -25.10 12.88 14.11
N MET A 264 -24.04 12.24 13.58
CA MET A 264 -23.92 11.81 12.19
C MET A 264 -23.98 13.00 11.23
N LYS A 265 -23.53 14.17 11.68
CA LYS A 265 -23.40 15.33 10.82
C LYS A 265 -21.96 15.83 10.94
N PRO A 266 -21.08 15.38 10.02
CA PRO A 266 -19.64 15.63 10.16
C PRO A 266 -19.30 17.12 10.13
N VAL A 267 -18.33 17.50 10.96
CA VAL A 267 -17.59 18.74 10.79
C VAL A 267 -16.50 18.47 9.76
N THR A 268 -16.40 19.32 8.74
CA THR A 268 -15.57 19.01 7.57
C THR A 268 -14.63 20.18 7.24
N SER A 269 -13.46 19.82 6.71
CA SER A 269 -12.58 20.74 6.00
C SER A 269 -12.45 20.22 4.58
N LYS A 270 -11.54 20.79 3.80
CA LYS A 270 -11.28 20.25 2.47
C LYS A 270 -10.86 18.78 2.57
N TYR A 271 -9.99 18.43 3.53
CA TYR A 271 -9.36 17.12 3.57
C TYR A 271 -9.84 16.24 4.72
N LYS A 272 -10.40 16.84 5.77
CA LYS A 272 -10.77 16.10 6.97
C LYS A 272 -12.28 16.09 7.17
N SER A 273 -12.73 15.12 7.97
CA SER A 273 -14.06 15.09 8.55
C SER A 273 -14.00 14.51 9.95
N SER A 274 -14.84 15.06 10.83
CA SER A 274 -14.98 14.60 12.20
C SER A 274 -16.46 14.41 12.53
N THR A 275 -16.86 13.14 12.76
CA THR A 275 -18.26 12.78 12.95
C THR A 275 -18.50 12.27 14.37
N ILE A 276 -19.50 12.85 15.04
CA ILE A 276 -20.01 12.28 16.28
C ILE A 276 -20.99 11.19 15.88
N ALA A 277 -20.58 9.94 16.03
CA ALA A 277 -21.38 8.81 15.59
C ALA A 277 -22.48 8.54 16.60
N TYR A 278 -22.20 8.88 17.87
CA TYR A 278 -23.17 8.69 18.94
C TYR A 278 -22.73 9.53 20.13
N LYS A 279 -23.71 9.95 20.94
CA LYS A 279 -23.44 10.61 22.21
C LYS A 279 -24.57 10.31 23.19
N MET A 280 -24.25 10.44 24.48
CA MET A 280 -25.25 10.41 25.55
C MET A 280 -24.74 11.29 26.69
N PRO A 281 -25.64 11.93 27.47
CA PRO A 281 -25.22 12.72 28.63
C PRO A 281 -24.41 11.83 29.58
N PHE A 282 -23.35 12.41 30.14
CA PHE A 282 -22.50 11.71 31.11
C PHE A 282 -23.34 11.06 32.20
N ALA A 283 -24.38 11.75 32.67
CA ALA A 283 -25.20 11.31 33.78
C ALA A 283 -25.95 10.03 33.44
N ASP A 284 -26.16 9.76 32.15
CA ASP A 284 -26.90 8.57 31.72
C ASP A 284 -25.97 7.41 31.43
N PHE A 285 -24.66 7.64 31.41
CA PHE A 285 -23.72 6.56 31.21
C PHE A 285 -23.74 5.67 32.46
N PRO A 286 -23.91 4.33 32.33
CA PRO A 286 -23.97 3.46 33.51
C PRO A 286 -22.69 3.55 34.32
N LYS A 287 -22.83 3.70 35.66
CA LYS A 287 -21.70 3.76 36.57
C LYS A 287 -21.61 2.48 37.41
N ASP A 288 -20.40 2.18 37.91
CA ASP A 288 -20.17 1.07 38.83
C ASP A 288 -20.64 -0.25 38.22
N CYS A 289 -20.43 -0.42 36.92
CA CYS A 289 -20.72 -1.68 36.25
C CYS A 289 -19.88 -1.73 34.98
N TRP A 290 -19.67 -2.96 34.48
CA TRP A 290 -18.98 -3.17 33.22
C TRP A 290 -19.92 -2.89 32.06
N VAL A 291 -19.47 -1.98 31.16
CA VAL A 291 -20.13 -1.72 29.90
C VAL A 291 -19.28 -2.33 28.79
N THR A 292 -19.88 -3.24 28.01
CA THR A 292 -19.18 -3.92 26.91
C THR A 292 -19.59 -3.29 25.58
N PHE A 293 -18.60 -2.97 24.75
CA PHE A 293 -18.82 -2.50 23.40
C PHE A 293 -18.33 -3.54 22.39
N ARG A 294 -19.15 -3.78 21.37
CA ARG A 294 -18.74 -4.55 20.20
C ARG A 294 -18.74 -3.62 19.00
N VAL A 295 -17.57 -3.50 18.35
CA VAL A 295 -17.39 -2.52 17.28
C VAL A 295 -17.02 -3.25 15.99
N HIS A 296 -17.80 -3.04 14.92
N HIS A 296 -17.79 -3.02 14.92
CA HIS A 296 -17.39 -3.46 13.59
CA HIS A 296 -17.41 -3.47 13.59
C HIS A 296 -17.01 -2.23 12.76
C HIS A 296 -17.01 -2.25 12.76
N ILE A 297 -15.80 -2.27 12.16
CA ILE A 297 -15.30 -1.16 11.37
C ILE A 297 -15.00 -1.59 9.93
N ASP A 298 -15.57 -0.86 8.95
CA ASP A 298 -15.08 -0.84 7.58
C ASP A 298 -14.38 0.51 7.34
N TRP A 299 -13.06 0.48 7.13
CA TRP A 299 -12.29 1.71 6.98
C TRP A 299 -12.58 2.37 5.64
N THR A 300 -12.68 3.71 5.63
CA THR A 300 -12.57 4.48 4.40
C THR A 300 -11.29 4.05 3.68
N THR A 301 -11.34 3.93 2.35
CA THR A 301 -10.16 3.68 1.54
C THR A 301 -9.76 4.97 0.81
N TYR A 302 -8.46 5.17 0.60
CA TYR A 302 -7.94 6.43 0.06
C TYR A 302 -7.02 6.16 -1.13
N GLY A 303 -6.79 7.20 -1.94
CA GLY A 303 -6.03 7.07 -3.18
C GLY A 303 -4.58 7.55 -3.04
N LYS A 304 -4.05 7.54 -1.81
CA LYS A 304 -2.64 7.84 -1.57
C LYS A 304 -2.30 9.18 -2.20
N GLU A 305 -1.33 9.20 -3.12
CA GLU A 305 -0.80 10.44 -3.66
C GLU A 305 -1.87 11.20 -4.46
N ALA A 306 -2.98 10.53 -4.80
CA ALA A 306 -4.10 11.17 -5.48
C ALA A 306 -5.02 11.89 -4.50
N GLU A 307 -4.97 11.49 -3.22
CA GLU A 307 -5.59 12.21 -2.12
C GLU A 307 -7.12 12.14 -2.13
N ASN A 308 -7.72 11.23 -2.92
CA ASN A 308 -9.17 11.11 -3.00
C ASN A 308 -9.65 10.01 -2.04
N ILE A 309 -10.92 10.06 -1.67
CA ILE A 309 -11.57 8.94 -1.01
C ILE A 309 -12.08 7.99 -2.08
N VAL A 310 -11.65 6.74 -2.02
CA VAL A 310 -12.06 5.73 -2.99
C VAL A 310 -13.45 5.23 -2.60
N LYS A 311 -13.55 4.68 -1.39
CA LYS A 311 -14.79 4.10 -0.89
C LYS A 311 -15.01 4.57 0.54
N PRO A 312 -16.26 4.90 0.93
CA PRO A 312 -16.53 5.30 2.31
C PRO A 312 -16.38 4.11 3.25
N GLY A 313 -16.37 4.41 4.55
CA GLY A 313 -16.29 3.40 5.58
C GLY A 313 -17.65 3.12 6.19
N LYS A 314 -17.66 2.35 7.27
CA LYS A 314 -18.87 2.00 8.00
C LYS A 314 -18.52 1.68 9.45
N LEU A 315 -19.43 2.04 10.36
CA LEU A 315 -19.25 1.83 11.79
C LEU A 315 -20.51 1.19 12.38
N ASP A 316 -20.30 0.12 13.14
CA ASP A 316 -21.38 -0.49 13.91
C ASP A 316 -20.92 -0.69 15.35
N VAL A 317 -21.76 -0.28 16.30
CA VAL A 317 -21.44 -0.37 17.72
C VAL A 317 -22.67 -0.85 18.50
N GLN A 318 -22.48 -1.93 19.25
CA GLN A 318 -23.46 -2.43 20.20
C GLN A 318 -22.93 -2.19 21.60
N MET A 319 -23.83 -1.84 22.53
CA MET A 319 -23.49 -1.54 23.91
C MET A 319 -24.35 -2.42 24.82
N GLU A 320 -23.70 -3.06 25.80
CA GLU A 320 -24.36 -3.97 26.70
C GLU A 320 -23.86 -3.77 28.12
N TYR A 321 -24.77 -3.88 29.09
CA TYR A 321 -24.45 -3.76 30.51
C TYR A 321 -25.63 -4.27 31.32
N THR A 322 -25.37 -4.52 32.61
CA THR A 322 -26.43 -4.90 33.54
C THR A 322 -26.58 -3.79 34.57
N ASP A 323 -27.79 -3.27 34.69
CA ASP A 323 -28.11 -2.27 35.68
C ASP A 323 -28.51 -3.00 36.97
N LYS A 324 -29.51 -2.46 37.67
CA LYS A 324 -29.92 -2.98 38.96
C LYS A 324 -30.91 -4.14 38.78
N LYS A 325 -31.43 -4.36 37.57
CA LYS A 325 -32.60 -5.23 37.43
C LYS A 325 -32.56 -6.08 36.16
N LYS A 326 -31.85 -5.62 35.11
CA LYS A 326 -31.91 -6.27 33.81
C LYS A 326 -30.64 -5.98 33.01
N THR A 327 -30.38 -6.86 32.03
CA THR A 327 -29.38 -6.64 31.01
C THR A 327 -29.98 -5.73 29.94
N VAL A 328 -29.20 -4.72 29.56
CA VAL A 328 -29.59 -3.73 28.58
C VAL A 328 -28.66 -3.90 27.38
N LYS A 329 -29.23 -3.90 26.18
CA LYS A 329 -28.47 -4.00 24.96
C LYS A 329 -28.99 -2.95 23.98
N GLU A 330 -28.11 -2.04 23.56
CA GLU A 330 -28.49 -0.90 22.75
C GLU A 330 -27.59 -0.83 21.52
N HIS A 331 -28.22 -0.78 20.33
CA HIS A 331 -27.50 -0.67 19.07
C HIS A 331 -27.18 0.81 18.82
N ILE A 332 -26.18 1.35 19.53
CA ILE A 332 -26.01 2.79 19.65
C ILE A 332 -25.46 3.40 18.34
N VAL A 333 -24.70 2.62 17.56
CA VAL A 333 -24.30 3.01 16.22
C VAL A 333 -24.78 1.92 15.26
N ASN A 334 -25.89 2.21 14.56
CA ASN A 334 -26.55 1.22 13.75
C ASN A 334 -26.01 1.27 12.32
N ASN A 335 -24.91 0.53 12.06
CA ASN A 335 -24.41 0.28 10.71
C ASN A 335 -24.39 1.57 9.90
N GLU A 336 -23.60 2.56 10.32
CA GLU A 336 -23.65 3.89 9.73
C GLU A 336 -22.53 4.03 8.71
N VAL A 337 -22.88 4.44 7.48
CA VAL A 337 -21.88 4.86 6.51
C VAL A 337 -21.20 6.10 7.07
N ILE A 338 -19.86 6.11 7.08
CA ILE A 338 -19.09 7.11 7.79
C ILE A 338 -17.68 7.18 7.23
N GLN A 339 -17.08 8.37 7.29
CA GLN A 339 -15.69 8.53 6.91
C GLN A 339 -14.82 8.26 8.14
N ILE A 340 -13.89 7.31 8.01
CA ILE A 340 -13.11 6.86 9.16
C ILE A 340 -11.80 6.26 8.66
N GLY A 341 -10.68 6.91 9.03
CA GLY A 341 -9.37 6.40 8.66
C GLY A 341 -8.39 7.53 8.33
N ARG A 342 -7.26 7.14 7.75
CA ARG A 342 -6.22 8.07 7.32
C ARG A 342 -5.57 7.62 6.01
N ASN A 343 -5.20 8.60 5.18
CA ASN A 343 -4.54 8.33 3.92
C ASN A 343 -3.05 8.07 4.17
N ASP A 344 -2.71 6.84 4.59
CA ASP A 344 -1.34 6.42 4.81
C ASP A 344 -1.14 5.04 4.17
N ASP A 345 0.12 4.59 4.07
CA ASP A 345 0.43 3.26 3.59
C ASP A 345 -0.06 2.23 4.59
N ASP A 346 0.27 2.45 5.87
CA ASP A 346 -0.03 1.52 6.94
C ASP A 346 -1.39 1.84 7.58
N GLY A 347 -1.88 0.85 8.34
CA GLY A 347 -3.26 0.84 8.83
C GLY A 347 -3.35 1.29 10.28
N TYR A 348 -4.08 0.54 11.11
CA TYR A 348 -4.59 1.06 12.37
C TYR A 348 -4.40 0.06 13.51
N TYR A 349 -4.20 0.58 14.73
CA TYR A 349 -4.00 -0.25 15.91
C TYR A 349 -4.80 0.32 17.08
N PHE A 350 -5.11 -0.59 18.01
CA PHE A 350 -6.00 -0.31 19.12
C PHE A 350 -5.20 0.08 20.36
N LYS A 351 -5.70 1.08 21.08
CA LYS A 351 -5.23 1.44 22.41
C LYS A 351 -6.43 1.70 23.31
N PHE A 352 -6.28 1.44 24.60
CA PHE A 352 -7.25 1.86 25.59
C PHE A 352 -6.50 2.31 26.86
N GLY A 353 -7.24 3.02 27.71
CA GLY A 353 -6.70 3.61 28.92
C GLY A 353 -7.15 5.06 29.05
N ILE A 354 -6.20 5.96 29.33
CA ILE A 354 -6.51 7.36 29.52
C ILE A 354 -5.64 8.16 28.55
N TYR A 355 -6.31 8.97 27.74
CA TYR A 355 -5.65 10.02 26.98
C TYR A 355 -6.42 11.30 27.27
N ARG A 356 -5.84 12.15 28.12
CA ARG A 356 -6.53 13.30 28.66
C ARG A 356 -6.24 14.50 27.77
N VAL A 357 -7.29 14.97 27.07
CA VAL A 357 -7.14 15.93 25.99
C VAL A 357 -7.94 17.19 26.33
N GLY A 358 -7.86 18.18 25.44
CA GLY A 358 -8.59 19.43 25.60
C GLY A 358 -8.01 20.34 26.70
N ASN A 359 -6.72 20.16 27.01
CA ASN A 359 -6.01 20.96 28.02
C ASN A 359 -6.67 20.79 29.39
N SER A 360 -6.90 19.54 29.79
CA SER A 360 -7.60 19.20 31.02
C SER A 360 -6.63 18.59 32.03
N THR A 361 -6.81 18.96 33.31
CA THR A 361 -6.12 18.33 34.43
C THR A 361 -7.14 17.75 35.44
N VAL A 362 -8.41 17.61 35.03
CA VAL A 362 -9.39 16.96 35.88
C VAL A 362 -8.98 15.49 36.06
N PRO A 363 -8.90 14.98 37.31
CA PRO A 363 -8.48 13.59 37.54
C PRO A 363 -9.33 12.59 36.77
N VAL A 364 -8.70 11.49 36.36
CA VAL A 364 -9.36 10.43 35.62
C VAL A 364 -8.95 9.08 36.21
N CYS A 365 -9.96 8.26 36.50
CA CYS A 365 -9.73 6.89 36.96
C CYS A 365 -10.90 6.01 36.53
N TYR A 366 -10.57 4.92 35.82
CA TYR A 366 -11.53 3.88 35.48
C TYR A 366 -10.75 2.62 35.14
N ASN A 367 -11.51 1.54 34.84
CA ASN A 367 -10.90 0.26 34.55
C ASN A 367 -11.31 -0.17 33.14
N LEU A 368 -10.42 -0.93 32.49
CA LEU A 368 -10.70 -1.54 31.20
C LEU A 368 -10.31 -3.01 31.24
N ALA A 369 -11.03 -3.80 30.42
CA ALA A 369 -10.82 -5.24 30.34
C ALA A 369 -11.47 -5.84 29.09
N GLY A 370 -11.22 -7.13 28.89
CA GLY A 370 -12.03 -7.95 28.03
C GLY A 370 -11.83 -7.61 26.55
N TYR A 371 -10.60 -7.28 26.17
CA TYR A 371 -10.31 -6.89 24.79
C TYR A 371 -10.19 -8.12 23.90
N LYS A 372 -10.75 -8.02 22.70
CA LYS A 372 -10.56 -9.03 21.66
C LYS A 372 -10.69 -8.33 20.30
N GLU A 373 -9.87 -8.74 19.34
CA GLU A 373 -10.07 -8.32 17.95
C GLU A 373 -10.04 -9.58 17.09
N GLU A 374 -11.02 -9.71 16.19
CA GLU A 374 -11.31 -11.00 15.57
C GLU A 374 -10.75 -11.04 14.16
N LEU A 375 -9.93 -10.05 13.81
CA LEU A 375 -9.30 -9.98 12.49
C LEU A 375 -10.30 -10.42 11.42
N GLU A 376 -11.51 -9.84 11.48
CA GLU A 376 -12.59 -10.17 10.57
C GLU A 376 -13.68 -9.09 10.68
N GLU B 8 -17.77 -17.80 -41.07
CA GLU B 8 -16.78 -17.00 -40.29
C GLU B 8 -16.04 -17.93 -39.32
N THR B 9 -15.00 -18.59 -39.86
CA THR B 9 -14.17 -19.51 -39.11
C THR B 9 -13.22 -18.72 -38.20
N LEU B 10 -12.70 -17.59 -38.71
CA LEU B 10 -11.86 -16.66 -37.97
C LEU B 10 -12.50 -15.28 -37.97
N VAL B 11 -12.66 -14.69 -36.77
CA VAL B 11 -13.32 -13.40 -36.63
C VAL B 11 -12.33 -12.38 -36.07
N PRO B 12 -11.85 -11.43 -36.90
CA PRO B 12 -10.97 -10.36 -36.43
C PRO B 12 -11.54 -9.62 -35.21
N LEU B 13 -10.69 -9.38 -34.21
CA LEU B 13 -11.03 -8.58 -33.05
C LEU B 13 -10.05 -7.40 -33.01
N THR B 14 -10.44 -6.26 -33.59
CA THR B 14 -9.49 -5.19 -33.90
C THR B 14 -9.56 -4.06 -32.88
N LYS B 15 -10.52 -4.10 -31.95
CA LYS B 15 -10.64 -3.02 -30.97
C LYS B 15 -9.47 -3.07 -29.98
N ARG B 16 -8.91 -1.90 -29.66
CA ARG B 16 -7.72 -1.79 -28.83
C ARG B 16 -7.93 -0.74 -27.74
N VAL B 17 -7.37 -1.01 -26.55
CA VAL B 17 -7.53 -0.13 -25.40
C VAL B 17 -6.16 0.26 -24.89
N ASN B 18 -5.94 1.56 -24.69
CA ASN B 18 -4.77 2.02 -23.95
C ASN B 18 -5.06 1.90 -22.45
N VAL B 19 -4.71 0.75 -21.85
CA VAL B 19 -5.29 0.38 -20.57
C VAL B 19 -4.77 1.32 -19.47
N GLN B 20 -3.55 1.82 -19.62
CA GLN B 20 -2.97 2.70 -18.61
C GLN B 20 -3.62 4.07 -18.63
N ALA B 21 -4.11 4.55 -19.79
CA ALA B 21 -4.51 5.94 -19.95
C ALA B 21 -5.97 6.10 -20.35
N ASP B 22 -6.74 5.00 -20.47
CA ASP B 22 -8.11 5.10 -20.93
C ASP B 22 -8.95 4.00 -20.31
N THR B 23 -10.24 4.29 -20.08
CA THR B 23 -11.20 3.25 -19.77
C THR B 23 -11.50 2.48 -21.05
N ALA B 24 -11.76 1.18 -20.88
CA ALA B 24 -12.31 0.34 -21.93
C ALA B 24 -13.81 0.59 -22.04
N ARG B 25 -14.29 0.82 -23.26
CA ARG B 25 -15.72 0.87 -23.50
C ARG B 25 -16.25 -0.56 -23.44
N LEU B 26 -17.54 -0.74 -23.13
CA LEU B 26 -18.12 -2.07 -23.05
C LEU B 26 -17.97 -2.78 -24.40
N ASP B 27 -18.04 -2.04 -25.50
CA ASP B 27 -17.97 -2.63 -26.82
C ASP B 27 -16.53 -3.03 -27.16
N GLN B 28 -15.53 -2.62 -26.36
CA GLN B 28 -14.15 -3.01 -26.60
C GLN B 28 -13.73 -4.24 -25.78
N ILE B 29 -14.58 -4.64 -24.84
CA ILE B 29 -14.30 -5.76 -23.95
C ILE B 29 -14.65 -7.05 -24.68
N ILE B 30 -13.78 -8.06 -24.53
CA ILE B 30 -13.91 -9.33 -25.22
C ILE B 30 -14.26 -10.41 -24.21
N ASP B 31 -15.40 -11.09 -24.45
CA ASP B 31 -15.87 -12.19 -23.62
C ASP B 31 -16.04 -11.76 -22.18
N GLY B 32 -16.42 -10.50 -21.97
CA GLY B 32 -16.68 -9.99 -20.64
C GLY B 32 -15.45 -9.92 -19.73
N CYS B 33 -14.22 -10.17 -20.23
CA CYS B 33 -13.10 -10.24 -19.31
C CYS B 33 -11.75 -9.84 -19.89
N TRP B 34 -11.67 -9.53 -21.20
CA TRP B 34 -10.41 -9.18 -21.83
C TRP B 34 -10.53 -7.83 -22.52
N VAL B 35 -9.42 -7.10 -22.62
CA VAL B 35 -9.25 -6.08 -23.65
C VAL B 35 -7.98 -6.40 -24.42
N ALA B 36 -7.92 -5.91 -25.66
CA ALA B 36 -6.79 -6.18 -26.55
C ALA B 36 -5.87 -4.96 -26.60
N VAL B 37 -4.56 -5.23 -26.66
CA VAL B 37 -3.54 -4.19 -26.79
C VAL B 37 -2.62 -4.54 -27.94
N GLY B 38 -2.00 -3.50 -28.51
CA GLY B 38 -1.02 -3.64 -29.58
C GLY B 38 -1.64 -3.36 -30.95
N THR B 39 -0.95 -3.83 -32.00
CA THR B 39 -1.32 -3.49 -33.37
C THR B 39 -2.74 -4.00 -33.66
N ASN B 40 -3.51 -3.18 -34.39
CA ASN B 40 -4.93 -3.44 -34.61
C ASN B 40 -5.21 -4.01 -35.99
N LYS B 41 -4.19 -4.55 -36.67
CA LYS B 41 -4.42 -5.24 -37.94
C LYS B 41 -5.46 -6.34 -37.75
N LYS B 42 -6.26 -6.59 -38.79
CA LYS B 42 -7.31 -7.59 -38.72
C LYS B 42 -6.74 -8.95 -38.36
N HIS B 43 -5.56 -9.29 -38.90
CA HIS B 43 -4.98 -10.60 -38.70
C HIS B 43 -4.33 -10.73 -37.31
N ALA B 44 -4.14 -9.62 -36.60
CA ALA B 44 -3.33 -9.67 -35.38
C ALA B 44 -3.98 -10.59 -34.34
N ILE B 45 -5.30 -10.45 -34.15
CA ILE B 45 -6.04 -11.20 -33.15
C ILE B 45 -7.42 -11.54 -33.74
N GLN B 46 -7.77 -12.83 -33.67
CA GLN B 46 -9.01 -13.32 -34.25
C GLN B 46 -9.58 -14.39 -33.33
N ARG B 47 -10.90 -14.37 -33.16
CA ARG B 47 -11.60 -15.47 -32.51
C ARG B 47 -11.61 -16.64 -33.48
N ASP B 48 -11.18 -17.82 -33.01
CA ASP B 48 -10.92 -18.96 -33.87
C ASP B 48 -11.91 -20.10 -33.56
N PHE B 49 -12.89 -20.29 -34.47
CA PHE B 49 -13.85 -21.38 -34.35
C PHE B 49 -13.33 -22.67 -34.99
N THR B 50 -12.12 -22.67 -35.56
CA THR B 50 -11.56 -23.87 -36.16
C THR B 50 -10.55 -24.54 -35.22
N ARG B 51 -10.26 -23.91 -34.07
CA ARG B 51 -9.39 -24.51 -33.05
C ARG B 51 -10.05 -24.33 -31.70
N LEU B 52 -11.02 -25.22 -31.41
CA LEU B 52 -11.80 -25.10 -30.21
C LEU B 52 -11.00 -25.64 -29.02
N PHE B 53 -11.28 -25.10 -27.83
CA PHE B 53 -10.70 -25.60 -26.59
C PHE B 53 -11.79 -25.63 -25.53
N ALA B 54 -12.05 -26.82 -24.98
CA ALA B 54 -13.10 -27.04 -24.00
C ALA B 54 -14.44 -26.59 -24.58
N GLY B 55 -14.65 -26.86 -25.88
CA GLY B 55 -15.92 -26.60 -26.52
C GLY B 55 -16.18 -25.13 -26.83
N LYS B 56 -15.14 -24.29 -26.79
CA LYS B 56 -15.28 -22.86 -26.99
C LYS B 56 -14.20 -22.36 -27.97
N PRO B 57 -14.45 -21.26 -28.72
CA PRO B 57 -13.43 -20.69 -29.61
C PRO B 57 -12.18 -20.29 -28.84
N SER B 58 -11.03 -20.45 -29.48
CA SER B 58 -9.77 -19.95 -28.95
C SER B 58 -9.49 -18.59 -29.59
N TYR B 59 -8.32 -18.03 -29.24
CA TYR B 59 -7.88 -16.79 -29.84
C TYR B 59 -6.59 -17.06 -30.59
N ARG B 60 -6.59 -16.67 -31.87
CA ARG B 60 -5.45 -16.84 -32.74
C ARG B 60 -4.72 -15.50 -32.82
N PHE B 61 -3.43 -15.53 -32.49
CA PHE B 61 -2.59 -14.34 -32.56
C PHE B 61 -1.59 -14.51 -33.69
N GLU B 62 -1.33 -13.43 -34.44
CA GLU B 62 -0.40 -13.45 -35.56
C GLU B 62 0.31 -12.11 -35.69
N LEU B 63 1.65 -12.15 -35.68
CA LEU B 63 2.47 -11.02 -36.08
C LEU B 63 3.32 -11.43 -37.28
N ARG B 64 3.10 -10.75 -38.40
CA ARG B 64 3.87 -10.96 -39.61
C ARG B 64 5.19 -10.21 -39.48
N LYS B 65 6.07 -10.35 -40.48
CA LYS B 65 7.38 -9.73 -40.44
C LYS B 65 7.30 -8.22 -40.21
N GLU B 66 6.32 -7.57 -40.85
CA GLU B 66 6.25 -6.11 -40.86
C GLU B 66 5.45 -5.57 -39.68
N ASP B 67 5.08 -6.41 -38.70
CA ASP B 67 4.10 -6.04 -37.69
C ASP B 67 4.72 -5.54 -36.38
N ASN B 68 6.02 -5.24 -36.34
CA ASN B 68 6.57 -4.55 -35.18
C ASN B 68 6.15 -3.08 -35.23
N THR B 69 5.40 -2.61 -34.21
CA THR B 69 4.94 -1.23 -34.20
C THR B 69 5.60 -0.43 -33.06
N LEU B 70 6.41 -1.08 -32.22
CA LEU B 70 6.89 -0.46 -31.00
C LEU B 70 8.41 -0.32 -31.08
N GLU B 71 8.99 0.54 -30.23
CA GLU B 71 10.43 0.70 -30.12
C GLU B 71 10.96 -0.10 -28.92
N GLY B 72 12.08 -0.79 -29.09
CA GLY B 72 12.77 -1.48 -28.01
C GLY B 72 13.83 -0.60 -27.34
N TYR B 73 14.43 -1.14 -26.27
CA TYR B 73 15.41 -0.42 -25.46
C TYR B 73 16.65 -0.14 -26.31
N GLY B 74 17.07 -1.12 -27.10
CA GLY B 74 18.29 -0.98 -27.89
C GLY B 74 18.16 0.05 -29.01
N LYS B 75 19.30 0.60 -29.41
CA LYS B 75 19.33 1.61 -30.47
C LYS B 75 18.85 0.97 -31.77
N GLY B 76 17.81 1.56 -32.39
CA GLY B 76 17.29 1.11 -33.66
C GLY B 76 16.51 -0.20 -33.58
N GLU B 77 16.24 -0.68 -32.35
CA GLU B 77 15.56 -1.95 -32.16
C GLU B 77 14.04 -1.72 -32.12
N THR B 78 13.28 -2.74 -32.54
CA THR B 78 11.82 -2.66 -32.54
C THR B 78 11.26 -3.92 -31.86
N LYS B 79 9.98 -3.86 -31.53
CA LYS B 79 9.25 -4.94 -30.88
C LYS B 79 7.82 -4.91 -31.40
N GLY B 80 7.11 -6.02 -31.20
CA GLY B 80 5.74 -6.14 -31.64
C GLY B 80 4.86 -6.65 -30.52
N ARG B 81 3.57 -6.32 -30.58
CA ARG B 81 2.63 -6.66 -29.53
C ARG B 81 1.24 -6.88 -30.13
N ALA B 82 0.68 -8.03 -29.80
CA ALA B 82 -0.74 -8.30 -29.96
C ALA B 82 -1.15 -9.21 -28.80
N GLU B 83 -1.78 -8.61 -27.78
CA GLU B 83 -2.03 -9.31 -26.54
C GLU B 83 -3.43 -9.00 -26.02
N PHE B 84 -3.91 -9.90 -25.16
CA PHE B 84 -5.06 -9.62 -24.30
C PHE B 84 -4.56 -9.25 -22.91
N SER B 85 -5.21 -8.27 -22.28
CA SER B 85 -4.97 -7.96 -20.88
C SER B 85 -6.21 -8.30 -20.04
N TYR B 86 -5.99 -9.00 -18.92
CA TYR B 86 -7.07 -9.33 -17.99
C TYR B 86 -7.33 -8.15 -17.07
N CYS B 87 -6.49 -7.10 -17.14
CA CYS B 87 -6.63 -5.92 -16.29
C CYS B 87 -6.94 -4.70 -17.16
N TYR B 88 -8.02 -3.99 -16.77
CA TYR B 88 -8.47 -2.78 -17.43
C TYR B 88 -9.56 -2.14 -16.56
N ALA B 89 -9.76 -0.84 -16.71
CA ALA B 89 -10.82 -0.15 -16.00
C ALA B 89 -11.92 0.21 -16.99
N THR B 90 -13.15 0.33 -16.47
CA THR B 90 -14.31 0.77 -17.25
C THR B 90 -14.86 2.04 -16.62
N SER B 91 -15.84 2.64 -17.30
CA SER B 91 -16.62 3.76 -16.77
C SER B 91 -17.13 3.46 -15.35
N ALA B 92 -17.61 2.24 -15.15
CA ALA B 92 -18.25 1.84 -13.91
C ALA B 92 -17.26 1.97 -12.76
N ASP B 93 -15.98 1.68 -13.03
CA ASP B 93 -14.96 1.72 -12.00
C ASP B 93 -14.77 3.13 -11.43
N PHE B 94 -15.14 4.18 -12.19
CA PHE B 94 -14.95 5.55 -11.75
C PHE B 94 -16.18 6.12 -11.05
N LYS B 95 -17.30 5.38 -11.03
CA LYS B 95 -18.46 5.87 -10.33
C LYS B 95 -18.14 5.96 -8.84
N GLY B 96 -18.53 7.09 -8.22
CA GLY B 96 -18.30 7.28 -6.80
C GLY B 96 -16.94 7.89 -6.48
N LEU B 97 -16.06 8.02 -7.48
CA LEU B 97 -14.83 8.80 -7.33
C LEU B 97 -15.12 10.25 -7.70
N PRO B 98 -14.25 11.21 -7.29
CA PRO B 98 -14.38 12.60 -7.71
C PRO B 98 -14.48 12.73 -9.24
N ALA B 99 -15.18 13.78 -9.69
CA ALA B 99 -15.41 14.05 -11.10
C ALA B 99 -14.09 14.14 -11.87
N ASP B 100 -13.06 14.74 -11.26
CA ASP B 100 -11.80 14.99 -11.93
C ASP B 100 -10.86 13.78 -11.88
N ALA B 101 -11.32 12.66 -11.29
CA ALA B 101 -10.47 11.50 -11.05
C ALA B 101 -10.02 10.87 -12.37
N TYR B 102 -10.95 10.73 -13.32
CA TYR B 102 -10.62 10.07 -14.57
C TYR B 102 -9.56 10.89 -15.32
N ARG B 103 -9.74 12.21 -15.41
CA ARG B 103 -8.82 13.03 -16.17
C ARG B 103 -7.39 12.90 -15.62
N LYS B 104 -7.26 13.05 -14.30
CA LYS B 104 -5.97 12.93 -13.63
C LYS B 104 -5.37 11.54 -13.83
N ALA B 105 -6.23 10.52 -13.83
CA ALA B 105 -5.80 9.14 -14.07
C ALA B 105 -5.25 8.97 -15.49
N GLN B 106 -5.84 9.66 -16.47
CA GLN B 106 -5.35 9.62 -17.84
C GLN B 106 -3.92 10.18 -17.93
N ILE B 107 -3.70 11.33 -17.27
CA ILE B 107 -2.43 12.02 -17.39
C ILE B 107 -1.34 11.22 -16.68
N THR B 108 -1.68 10.64 -15.52
CA THR B 108 -0.70 9.92 -14.72
C THR B 108 -0.52 8.50 -15.25
N LYS B 109 -1.43 8.03 -16.11
CA LYS B 109 -1.40 6.68 -16.63
C LYS B 109 -1.68 5.69 -15.50
N THR B 110 -2.74 5.98 -14.73
CA THR B 110 -3.13 5.15 -13.60
C THR B 110 -4.56 4.65 -13.78
N VAL B 111 -5.12 4.73 -14.97
CA VAL B 111 -6.52 4.38 -15.16
C VAL B 111 -6.76 2.94 -14.73
N TYR B 112 -5.90 2.02 -15.19
CA TYR B 112 -6.02 0.60 -14.90
C TYR B 112 -5.86 0.27 -13.42
N HIS B 113 -5.33 1.20 -12.61
CA HIS B 113 -5.28 1.02 -11.17
C HIS B 113 -6.68 0.79 -10.58
N HIS B 114 -7.71 1.36 -11.23
CA HIS B 114 -9.07 1.34 -10.73
C HIS B 114 -9.89 0.14 -11.22
N GLY B 115 -9.27 -0.77 -11.99
CA GLY B 115 -10.01 -1.84 -12.65
C GLY B 115 -9.84 -3.20 -11.97
N LYS B 116 -10.49 -4.22 -12.56
CA LYS B 116 -10.35 -5.58 -12.08
C LYS B 116 -9.07 -6.22 -12.59
N GLY B 117 -8.74 -7.40 -12.02
CA GLY B 117 -7.72 -8.28 -12.54
C GLY B 117 -6.32 -7.97 -12.02
N ILE B 118 -6.24 -7.29 -10.88
CA ILE B 118 -4.94 -6.99 -10.26
C ILE B 118 -4.75 -7.95 -9.09
N CYS B 119 -3.64 -8.68 -9.11
CA CYS B 119 -3.20 -9.41 -7.92
C CYS B 119 -2.34 -8.48 -7.07
N PRO B 120 -2.79 -8.08 -5.86
CA PRO B 120 -2.03 -7.16 -5.02
C PRO B 120 -0.64 -7.67 -4.67
N GLN B 121 0.23 -6.72 -4.34
CA GLN B 121 1.52 -7.01 -3.73
C GLN B 121 1.37 -8.06 -2.63
N GLY B 122 2.21 -9.09 -2.68
CA GLY B 122 2.34 -10.04 -1.59
C GLY B 122 1.26 -11.14 -1.58
N VAL B 123 0.22 -11.01 -2.40
CA VAL B 123 -0.91 -11.93 -2.36
C VAL B 123 -0.67 -13.08 -3.35
N SER B 124 -0.60 -14.32 -2.83
CA SER B 124 -0.51 -15.50 -3.67
C SER B 124 -1.74 -15.64 -4.55
N ARG B 125 -1.54 -16.22 -5.75
CA ARG B 125 -2.61 -16.47 -6.68
C ARG B 125 -2.24 -17.63 -7.59
N ASP B 126 -3.26 -18.40 -7.99
CA ASP B 126 -3.12 -19.50 -8.92
C ASP B 126 -3.71 -19.10 -10.28
N TYR B 127 -3.10 -19.63 -11.34
CA TYR B 127 -3.46 -19.28 -12.70
C TYR B 127 -3.44 -20.54 -13.57
N GLU B 128 -4.24 -20.52 -14.64
CA GLU B 128 -4.23 -21.59 -15.62
C GLU B 128 -4.48 -21.01 -17.00
N PHE B 129 -3.81 -21.57 -18.01
CA PHE B 129 -4.07 -21.21 -19.39
C PHE B 129 -3.52 -22.29 -20.32
N SER B 130 -3.96 -22.28 -21.58
CA SER B 130 -3.55 -23.30 -22.53
C SER B 130 -3.06 -22.65 -23.82
N VAL B 131 -2.06 -23.26 -24.45
CA VAL B 131 -1.46 -22.75 -25.68
C VAL B 131 -1.40 -23.85 -26.73
N TYR B 132 -1.53 -23.46 -28.00
CA TYR B 132 -1.54 -24.37 -29.13
C TYR B 132 -0.51 -23.85 -30.13
N ILE B 133 0.61 -24.59 -30.26
CA ILE B 133 1.71 -24.18 -31.11
C ILE B 133 1.65 -24.97 -32.41
N PRO B 134 1.30 -24.33 -33.55
CA PRO B 134 1.36 -25.00 -34.84
C PRO B 134 2.76 -25.50 -35.17
N SER B 135 2.81 -26.65 -35.87
CA SER B 135 4.04 -27.19 -36.44
C SER B 135 4.78 -26.17 -37.31
N ALA B 136 4.04 -25.20 -37.84
CA ALA B 136 4.57 -24.18 -38.72
C ALA B 136 5.46 -23.18 -37.98
N LEU B 137 5.29 -23.04 -36.66
CA LEU B 137 5.99 -22.00 -35.93
C LEU B 137 7.51 -22.21 -36.05
N ASP B 138 8.21 -21.15 -36.47
CA ASP B 138 9.64 -21.18 -36.70
C ASP B 138 10.38 -21.37 -35.37
N SER B 139 11.42 -22.22 -35.37
CA SER B 139 12.14 -22.51 -34.14
C SER B 139 12.96 -21.32 -33.64
N ASN B 140 13.13 -20.26 -34.44
CA ASN B 140 13.94 -19.12 -34.04
C ASN B 140 13.07 -17.91 -33.69
N VAL B 141 11.79 -18.16 -33.38
CA VAL B 141 10.91 -17.10 -32.92
C VAL B 141 11.46 -16.57 -31.59
N SER B 142 11.10 -15.32 -31.33
CA SER B 142 11.52 -14.63 -30.12
C SER B 142 10.30 -13.92 -29.52
N THR B 143 9.51 -14.67 -28.75
CA THR B 143 8.17 -14.21 -28.39
C THR B 143 7.83 -14.68 -26.99
N ILE B 144 7.15 -13.80 -26.26
CA ILE B 144 6.54 -14.13 -24.98
C ILE B 144 5.06 -14.36 -25.25
N PHE B 145 4.53 -15.52 -24.83
CA PHE B 145 3.15 -15.87 -25.10
C PHE B 145 2.25 -15.74 -23.86
N ALA B 146 2.86 -15.60 -22.68
CA ALA B 146 2.11 -15.29 -21.48
C ALA B 146 3.02 -14.57 -20.50
N GLN B 147 2.49 -13.51 -19.88
CA GLN B 147 3.35 -12.80 -18.95
C GLN B 147 2.51 -12.20 -17.82
N TRP B 148 3.17 -12.07 -16.66
CA TRP B 148 2.61 -11.40 -15.51
C TRP B 148 3.35 -10.09 -15.36
N HIS B 149 2.61 -8.98 -15.51
CA HIS B 149 3.20 -7.66 -15.66
C HIS B 149 2.98 -6.86 -14.39
N GLY B 150 3.97 -6.01 -14.03
CA GLY B 150 3.87 -5.15 -12.86
C GLY B 150 3.17 -3.82 -13.17
N MET B 151 3.10 -2.95 -12.17
CA MET B 151 2.38 -1.69 -12.30
C MET B 151 3.21 -0.59 -11.64
N PRO B 152 4.07 0.09 -12.44
CA PRO B 152 4.96 1.13 -11.92
C PRO B 152 4.26 2.24 -11.13
N ASP B 153 4.99 2.84 -10.18
CA ASP B 153 4.48 3.97 -9.41
C ASP B 153 4.61 5.22 -10.27
N ARG B 154 3.48 5.86 -10.60
CA ARG B 154 3.44 6.83 -11.70
C ARG B 154 3.83 8.24 -11.27
N THR B 155 3.93 8.53 -9.97
CA THR B 155 4.39 9.85 -9.54
C THR B 155 5.76 9.74 -8.86
N LEU B 156 6.41 8.58 -9.01
CA LEU B 156 7.75 8.37 -8.50
C LEU B 156 8.74 8.84 -9.55
N VAL B 157 9.55 9.85 -9.19
CA VAL B 157 10.40 10.53 -10.15
C VAL B 157 11.83 10.62 -9.61
N GLN B 158 12.76 10.92 -10.54
CA GLN B 158 14.12 11.29 -10.17
C GLN B 158 14.44 12.64 -10.79
N THR B 159 14.97 13.55 -9.97
CA THR B 159 15.34 14.89 -10.43
C THR B 159 16.63 14.82 -11.22
N PRO B 160 16.95 15.86 -12.03
CA PRO B 160 18.25 15.94 -12.70
C PRO B 160 19.43 15.80 -11.75
N GLU B 161 19.25 16.21 -10.48
CA GLU B 161 20.31 16.20 -9.49
C GLU B 161 20.43 14.82 -8.84
N GLY B 162 19.46 13.93 -9.04
CA GLY B 162 19.62 12.53 -8.67
C GLY B 162 18.77 12.11 -7.47
N GLU B 163 17.86 12.98 -7.02
CA GLU B 163 17.01 12.63 -5.89
C GLU B 163 15.81 11.82 -6.37
N VAL B 164 15.59 10.66 -5.75
CA VAL B 164 14.38 9.86 -5.97
C VAL B 164 13.31 10.32 -4.99
N LYS B 165 12.14 10.70 -5.52
CA LYS B 165 11.05 11.13 -4.67
C LYS B 165 9.70 10.79 -5.31
N LYS B 166 8.71 10.54 -4.45
CA LYS B 166 7.35 10.37 -4.93
C LYS B 166 6.57 11.66 -4.64
N LEU B 167 5.88 12.17 -5.66
CA LEU B 167 5.13 13.41 -5.55
C LEU B 167 3.62 13.14 -5.43
N THR B 168 2.89 14.13 -4.93
CA THR B 168 1.44 14.12 -5.04
C THR B 168 1.09 14.16 -6.52
N VAL B 169 -0.14 13.73 -6.84
CA VAL B 169 -0.63 13.79 -8.20
C VAL B 169 -0.60 15.24 -8.68
N ASP B 170 -1.01 16.18 -7.81
CA ASP B 170 -1.05 17.58 -8.21
C ASP B 170 0.35 18.09 -8.54
N GLU B 171 1.35 17.66 -7.77
CA GLU B 171 2.71 18.13 -7.98
C GLU B 171 3.25 17.54 -9.29
N PHE B 172 2.88 16.29 -9.58
CA PHE B 172 3.32 15.63 -10.80
C PHE B 172 2.68 16.31 -12.01
N LEU B 173 1.40 16.69 -11.90
CA LEU B 173 0.71 17.43 -12.94
C LEU B 173 1.42 18.75 -13.23
N GLU B 174 1.94 19.43 -12.18
CA GLU B 174 2.70 20.67 -12.34
C GLU B 174 3.97 20.41 -13.13
N LEU B 175 4.73 19.37 -12.73
CA LEU B 175 5.92 18.93 -13.43
C LEU B 175 5.62 18.71 -14.91
N ASP B 176 4.48 18.07 -15.21
CA ASP B 176 4.11 17.71 -16.59
C ASP B 176 3.78 18.93 -17.46
N LYS B 177 3.74 20.13 -16.88
CA LYS B 177 3.54 21.34 -17.66
C LYS B 177 4.79 21.68 -18.47
N THR B 178 5.98 21.33 -17.97
CA THR B 178 7.24 21.69 -18.62
C THR B 178 8.08 20.46 -18.94
N THR B 179 7.81 19.31 -18.32
CA THR B 179 8.48 18.07 -18.67
C THR B 179 7.49 17.17 -19.41
N ILE B 180 7.98 16.53 -20.48
CA ILE B 180 7.26 15.45 -21.12
C ILE B 180 8.11 14.18 -21.00
N PHE B 181 7.47 13.10 -20.55
CA PHE B 181 8.12 11.81 -20.40
C PHE B 181 7.88 10.96 -21.65
N LYS B 182 8.99 10.48 -22.25
CA LYS B 182 8.95 9.45 -23.26
C LYS B 182 9.38 8.18 -22.57
N LYS B 183 8.42 7.28 -22.32
CA LYS B 183 8.62 6.15 -21.44
C LYS B 183 9.06 6.69 -20.09
N ASN B 184 10.31 6.39 -19.67
CA ASN B 184 10.77 6.77 -18.36
C ASN B 184 11.59 8.06 -18.39
N THR B 185 11.87 8.60 -19.58
CA THR B 185 12.89 9.63 -19.76
C THR B 185 12.22 10.98 -19.95
N GLY B 186 12.64 11.95 -19.14
CA GLY B 186 12.09 13.29 -19.21
C GLY B 186 12.80 14.14 -20.26
N HIS B 187 12.00 14.95 -20.95
CA HIS B 187 12.50 15.87 -21.96
C HIS B 187 11.80 17.20 -21.74
N GLU B 188 12.46 18.30 -22.14
CA GLU B 188 11.82 19.60 -22.17
C GLU B 188 10.60 19.50 -23.08
N LYS B 189 9.47 20.04 -22.61
CA LYS B 189 8.25 20.00 -23.38
C LYS B 189 8.24 21.18 -24.35
N VAL B 190 7.99 20.84 -25.62
CA VAL B 190 7.93 21.79 -26.72
C VAL B 190 6.72 21.45 -27.59
N ALA B 191 6.42 22.33 -28.55
CA ALA B 191 5.37 22.12 -29.52
C ALA B 191 5.97 21.77 -30.88
N LYS B 192 5.31 20.82 -31.55
CA LYS B 192 5.76 20.30 -32.83
C LYS B 192 5.42 21.27 -33.97
N LEU B 193 6.31 21.30 -34.95
CA LEU B 193 6.13 22.06 -36.18
C LEU B 193 5.91 21.09 -37.34
N ASP B 194 5.24 21.57 -38.39
CA ASP B 194 5.16 20.85 -39.65
C ASP B 194 6.46 21.05 -40.42
N LYS B 195 6.55 20.43 -41.61
CA LYS B 195 7.74 20.46 -42.44
C LYS B 195 8.02 21.86 -42.97
N GLN B 196 7.07 22.79 -42.84
CA GLN B 196 7.27 24.17 -43.28
C GLN B 196 7.70 25.07 -42.12
N GLY B 197 7.74 24.53 -40.91
CA GLY B 197 8.08 25.29 -39.71
C GLY B 197 6.88 26.02 -39.10
N ASN B 198 5.67 25.52 -39.36
CA ASN B 198 4.46 26.11 -38.79
C ASN B 198 3.89 25.19 -37.71
N PRO B 199 3.37 25.72 -36.59
CA PRO B 199 2.93 24.89 -35.47
C PRO B 199 1.79 23.96 -35.89
N LEU B 200 1.86 22.71 -35.44
CA LEU B 200 0.76 21.79 -35.62
C LEU B 200 -0.31 22.07 -34.57
N LYS B 201 -1.57 21.96 -34.98
CA LYS B 201 -2.70 21.89 -34.06
C LYS B 201 -3.34 20.51 -34.14
N ASP B 202 -3.78 19.98 -32.99
CA ASP B 202 -4.43 18.68 -32.96
C ASP B 202 -5.90 18.82 -33.34
N LYS B 203 -6.70 17.76 -33.11
CA LYS B 203 -8.09 17.73 -33.52
C LYS B 203 -8.93 18.73 -32.72
N LYS B 204 -8.44 19.11 -31.53
CA LYS B 204 -9.14 20.02 -30.64
C LYS B 204 -8.62 21.45 -30.75
N GLY B 205 -7.63 21.70 -31.62
CA GLY B 205 -7.08 23.04 -31.82
C GLY B 205 -5.94 23.36 -30.84
N ASN B 206 -5.43 22.34 -30.14
CA ASN B 206 -4.37 22.54 -29.16
C ASN B 206 -3.01 22.30 -29.82
N PRO B 207 -1.90 22.77 -29.23
CA PRO B 207 -0.56 22.43 -29.75
C PRO B 207 -0.30 20.94 -29.60
N VAL B 208 0.48 20.37 -30.54
CA VAL B 208 0.92 18.98 -30.45
C VAL B 208 2.23 18.96 -29.67
N TYR B 209 2.19 18.37 -28.48
CA TYR B 209 3.34 18.42 -27.59
C TYR B 209 4.36 17.41 -28.09
N LYS B 210 5.64 17.73 -27.84
CA LYS B 210 6.74 16.98 -28.39
C LYS B 210 7.88 17.02 -27.38
N ALA B 211 8.69 15.96 -27.38
CA ALA B 211 9.90 15.88 -26.59
C ALA B 211 11.03 16.66 -27.24
N GLY B 212 11.49 17.71 -26.55
CA GLY B 212 12.73 18.37 -26.88
C GLY B 212 13.91 17.59 -26.28
N LYS B 213 14.95 18.33 -25.90
CA LYS B 213 16.14 17.74 -25.29
C LYS B 213 15.79 17.02 -23.99
N LYS B 214 16.55 15.96 -23.69
CA LYS B 214 16.50 15.32 -22.39
C LYS B 214 16.84 16.36 -21.31
N ASN B 215 16.12 16.32 -20.18
CA ASN B 215 16.28 17.35 -19.17
C ASN B 215 16.71 16.77 -17.82
N GLY B 216 17.06 15.48 -17.76
CA GLY B 216 17.58 14.90 -16.53
C GLY B 216 16.51 14.22 -15.67
N TRP B 217 15.21 14.54 -15.89
CA TRP B 217 14.14 13.92 -15.12
C TRP B 217 13.92 12.46 -15.55
N LEU B 218 13.58 11.62 -14.58
CA LEU B 218 13.10 10.26 -14.85
C LEU B 218 11.76 10.05 -14.13
N VAL B 219 10.95 9.13 -14.66
CA VAL B 219 9.75 8.67 -13.98
C VAL B 219 9.73 7.14 -14.07
N GLU B 220 9.03 6.49 -13.14
CA GLU B 220 9.03 5.04 -13.15
C GLU B 220 8.15 4.57 -14.32
N GLN B 221 8.69 3.65 -15.11
CA GLN B 221 8.03 3.13 -16.29
C GLN B 221 8.77 1.87 -16.74
N GLY B 222 8.01 0.92 -17.30
CA GLY B 222 8.58 -0.25 -17.95
C GLY B 222 9.25 -1.19 -16.95
N GLY B 223 10.29 -1.88 -17.42
CA GLY B 223 10.97 -2.91 -16.65
C GLY B 223 10.59 -4.28 -17.17
N TYR B 224 11.39 -5.29 -16.77
CA TYR B 224 11.11 -6.66 -17.12
C TYR B 224 9.85 -7.17 -16.42
N PRO B 225 9.06 -8.05 -17.08
CA PRO B 225 7.87 -8.62 -16.47
C PRO B 225 8.30 -9.61 -15.39
N PRO B 226 7.68 -9.58 -14.19
CA PRO B 226 7.94 -10.59 -13.16
C PRO B 226 7.97 -12.05 -13.60
N LEU B 227 7.07 -12.43 -14.51
CA LEU B 227 7.04 -13.80 -15.00
C LEU B 227 6.69 -13.81 -16.47
N ALA B 228 7.42 -14.62 -17.26
CA ALA B 228 7.20 -14.71 -18.69
C ALA B 228 7.39 -16.15 -19.17
N PHE B 229 6.41 -16.63 -19.95
CA PHE B 229 6.53 -17.86 -20.71
C PHE B 229 6.79 -17.46 -22.17
N GLY B 230 7.82 -18.03 -22.78
CA GLY B 230 8.10 -17.72 -24.18
C GLY B 230 9.06 -18.69 -24.88
N PHE B 231 9.41 -18.32 -26.11
CA PHE B 231 10.43 -19.00 -26.88
C PHE B 231 11.52 -18.00 -27.23
N SER B 232 12.77 -18.48 -27.20
CA SER B 232 13.91 -17.66 -27.57
C SER B 232 15.09 -18.58 -27.88
N GLY B 233 15.75 -18.32 -29.01
CA GLY B 233 16.97 -19.01 -29.42
C GLY B 233 16.80 -20.52 -29.53
N GLY B 234 15.60 -20.98 -29.84
CA GLY B 234 15.34 -22.41 -30.00
C GLY B 234 15.04 -23.10 -28.66
N TRP B 235 14.57 -22.31 -27.68
CA TRP B 235 14.21 -22.80 -26.36
C TRP B 235 12.85 -22.26 -25.96
N PHE B 236 11.98 -23.14 -25.46
CA PHE B 236 10.88 -22.72 -24.61
C PHE B 236 11.47 -22.40 -23.24
N TYR B 237 10.96 -21.36 -22.58
CA TYR B 237 11.48 -20.98 -21.28
C TYR B 237 10.39 -20.37 -20.40
N ILE B 238 10.58 -20.48 -19.07
CA ILE B 238 9.86 -19.74 -18.06
C ILE B 238 10.89 -18.92 -17.29
N LYS B 239 10.71 -17.60 -17.25
CA LYS B 239 11.67 -16.72 -16.63
C LYS B 239 11.00 -15.83 -15.58
N ALA B 240 11.59 -15.79 -14.38
CA ALA B 240 11.13 -14.93 -13.29
C ALA B 240 12.10 -13.78 -13.05
N ASN B 241 11.56 -12.56 -12.90
CA ASN B 241 12.35 -11.38 -12.61
C ASN B 241 11.90 -10.75 -11.30
N SER B 242 12.87 -10.17 -10.57
CA SER B 242 12.63 -9.43 -9.34
C SER B 242 13.38 -8.10 -9.39
N ASP B 243 12.78 -7.06 -8.82
CA ASP B 243 13.38 -5.72 -8.80
C ASP B 243 12.98 -5.05 -7.48
N ARG B 244 13.93 -4.95 -6.53
CA ARG B 244 13.63 -4.46 -5.20
C ARG B 244 13.89 -2.95 -5.08
N ARG B 245 14.43 -2.35 -6.14
CA ARG B 245 14.73 -0.92 -6.12
C ARG B 245 13.39 -0.18 -6.13
N TRP B 246 13.31 0.91 -5.39
CA TRP B 246 12.05 1.63 -5.29
C TRP B 246 11.70 2.22 -6.65
N LEU B 247 12.65 2.97 -7.21
CA LEU B 247 12.57 3.41 -8.59
C LEU B 247 13.37 2.43 -9.45
N THR B 248 12.68 1.71 -10.35
CA THR B 248 13.33 0.81 -11.29
C THR B 248 14.37 1.59 -12.10
N ASP B 249 15.61 1.05 -12.12
CA ASP B 249 16.66 1.52 -13.02
C ASP B 249 16.64 0.68 -14.30
N LYS B 250 16.19 1.29 -15.41
CA LYS B 250 16.09 0.61 -16.69
C LYS B 250 17.46 0.34 -17.31
N THR B 251 18.52 1.03 -16.83
CA THR B 251 19.86 0.83 -17.39
C THR B 251 20.48 -0.46 -16.83
N ASP B 252 19.90 -1.00 -15.76
CA ASP B 252 20.36 -2.26 -15.18
C ASP B 252 19.70 -3.40 -15.95
N ARG B 253 20.42 -3.95 -16.94
CA ARG B 253 19.86 -4.91 -17.88
C ARG B 253 20.09 -6.34 -17.37
N CYS B 254 19.61 -6.60 -16.16
CA CYS B 254 19.69 -7.91 -15.53
C CYS B 254 18.58 -8.79 -16.12
N ASN B 255 18.96 -9.62 -17.09
CA ASN B 255 18.02 -10.45 -17.84
C ASN B 255 18.69 -11.76 -18.18
N ALA B 256 18.07 -12.87 -17.76
CA ALA B 256 18.62 -14.19 -18.04
C ALA B 256 18.29 -14.56 -19.48
N SER B 257 19.20 -15.33 -20.07
CA SER B 257 19.10 -15.79 -21.44
C SER B 257 18.65 -17.24 -21.43
N PRO B 258 17.47 -17.54 -22.03
CA PRO B 258 16.99 -18.92 -22.14
C PRO B 258 18.05 -19.83 -22.74
N GLU B 259 18.74 -19.30 -23.75
CA GLU B 259 19.77 -20.07 -24.44
C GLU B 259 20.82 -20.42 -23.39
N LYS B 260 21.45 -19.42 -22.76
CA LYS B 260 22.71 -19.59 -22.06
C LYS B 260 22.57 -19.82 -20.55
N THR B 261 21.63 -19.11 -19.92
CA THR B 261 21.56 -19.16 -18.46
C THR B 261 21.02 -20.52 -18.03
N PRO B 262 21.74 -21.28 -17.19
CA PRO B 262 21.23 -22.56 -16.70
C PRO B 262 19.99 -22.37 -15.85
N VAL B 263 19.21 -23.45 -15.72
CA VAL B 263 17.98 -23.43 -14.94
C VAL B 263 18.31 -23.20 -13.45
N MET B 264 17.53 -22.32 -12.81
CA MET B 264 17.57 -22.02 -11.38
C MET B 264 18.96 -21.56 -10.93
N LYS B 265 19.63 -20.79 -11.79
CA LYS B 265 20.85 -20.11 -11.42
C LYS B 265 20.66 -18.63 -11.72
N PRO B 266 20.17 -17.85 -10.73
CA PRO B 266 19.75 -16.46 -11.00
C PRO B 266 20.91 -15.59 -11.48
N VAL B 267 20.62 -14.75 -12.48
CA VAL B 267 21.51 -13.66 -12.84
C VAL B 267 21.09 -12.49 -11.95
N THR B 268 22.06 -11.88 -11.27
CA THR B 268 21.74 -10.89 -10.25
C THR B 268 22.54 -9.60 -10.48
N SER B 269 21.91 -8.48 -10.12
CA SER B 269 22.58 -7.21 -9.91
C SER B 269 22.39 -6.84 -8.44
N LYS B 270 22.73 -5.61 -8.06
CA LYS B 270 22.47 -5.17 -6.71
C LYS B 270 20.98 -5.30 -6.38
N TYR B 271 20.11 -4.88 -7.30
CA TYR B 271 18.68 -4.73 -7.03
C TYR B 271 17.82 -5.75 -7.75
N LYS B 272 18.33 -6.37 -8.83
CA LYS B 272 17.52 -7.23 -9.67
C LYS B 272 18.00 -8.67 -9.62
N SER B 273 17.09 -9.57 -10.03
CA SER B 273 17.38 -10.98 -10.22
C SER B 273 16.55 -11.50 -11.39
N SER B 274 17.17 -12.32 -12.23
CA SER B 274 16.51 -12.90 -13.39
C SER B 274 16.82 -14.40 -13.44
N THR B 275 15.78 -15.23 -13.23
CA THR B 275 15.95 -16.67 -13.11
C THR B 275 15.20 -17.40 -14.23
N ILE B 276 15.89 -18.30 -14.92
CA ILE B 276 15.24 -19.26 -15.80
C ILE B 276 14.76 -20.41 -14.91
N ALA B 277 13.43 -20.47 -14.72
CA ALA B 277 12.83 -21.43 -13.81
C ALA B 277 12.78 -22.80 -14.49
N TYR B 278 12.65 -22.78 -15.82
CA TYR B 278 12.60 -23.99 -16.61
C TYR B 278 12.87 -23.65 -18.08
N LYS B 279 13.42 -24.62 -18.81
CA LYS B 279 13.57 -24.52 -20.25
C LYS B 279 13.52 -25.92 -20.86
N MET B 280 13.16 -25.98 -22.14
CA MET B 280 13.27 -27.20 -22.92
C MET B 280 13.54 -26.81 -24.37
N PRO B 281 14.24 -27.67 -25.16
CA PRO B 281 14.48 -27.38 -26.58
C PRO B 281 13.15 -27.18 -27.28
N PHE B 282 13.10 -26.20 -28.18
CA PHE B 282 11.92 -25.91 -28.97
C PHE B 282 11.40 -27.18 -29.65
N ALA B 283 12.32 -28.03 -30.13
CA ALA B 283 11.96 -29.25 -30.85
C ALA B 283 11.16 -30.21 -29.97
N ASP B 284 11.32 -30.12 -28.66
CA ASP B 284 10.67 -31.03 -27.73
C ASP B 284 9.33 -30.46 -27.25
N PHE B 285 9.05 -29.19 -27.55
CA PHE B 285 7.77 -28.61 -27.17
C PHE B 285 6.68 -29.25 -28.03
N PRO B 286 5.59 -29.78 -27.44
CA PRO B 286 4.54 -30.43 -28.23
C PRO B 286 3.93 -29.44 -29.23
N LYS B 287 3.76 -29.89 -30.48
CA LYS B 287 3.14 -29.10 -31.54
C LYS B 287 1.77 -29.66 -31.89
N ASP B 288 0.90 -28.79 -32.42
CA ASP B 288 -0.42 -29.20 -32.92
C ASP B 288 -1.25 -29.87 -31.82
N CYS B 289 -1.13 -29.38 -30.59
CA CYS B 289 -1.96 -29.84 -29.50
C CYS B 289 -2.02 -28.76 -28.43
N TRP B 290 -3.05 -28.82 -27.58
CA TRP B 290 -3.19 -27.89 -26.48
C TRP B 290 -2.28 -28.31 -25.32
N VAL B 291 -1.43 -27.37 -24.89
CA VAL B 291 -0.61 -27.53 -23.71
C VAL B 291 -1.19 -26.62 -22.62
N THR B 292 -1.56 -27.23 -21.48
CA THR B 292 -2.15 -26.52 -20.36
C THR B 292 -1.10 -26.34 -19.27
N PHE B 293 -0.98 -25.09 -18.79
CA PHE B 293 -0.11 -24.76 -17.67
C PHE B 293 -0.94 -24.38 -16.44
N ARG B 294 -0.57 -24.92 -15.29
CA ARG B 294 -1.14 -24.52 -14.01
C ARG B 294 -0.01 -23.89 -13.21
N VAL B 295 -0.17 -22.62 -12.83
CA VAL B 295 0.90 -21.85 -12.21
C VAL B 295 0.42 -21.38 -10.83
N HIS B 296 1.16 -21.72 -9.77
CA HIS B 296 0.97 -21.10 -8.48
C HIS B 296 2.12 -20.13 -8.20
N ILE B 297 1.78 -18.87 -7.85
CA ILE B 297 2.78 -17.85 -7.55
C ILE B 297 2.64 -17.33 -6.12
N ASP B 298 3.75 -17.37 -5.38
CA ASP B 298 3.93 -16.56 -4.18
C ASP B 298 4.93 -15.46 -4.48
N TRP B 299 4.45 -14.20 -4.55
CA TRP B 299 5.28 -13.08 -4.96
C TRP B 299 6.31 -12.79 -3.87
N THR B 300 7.53 -12.44 -4.28
CA THR B 300 8.47 -11.78 -3.38
C THR B 300 7.76 -10.56 -2.78
N THR B 301 8.00 -10.29 -1.50
CA THR B 301 7.49 -9.09 -0.85
C THR B 301 8.65 -8.12 -0.66
N TYR B 302 8.35 -6.80 -0.77
CA TYR B 302 9.38 -5.77 -0.74
C TYR B 302 9.03 -4.71 0.29
N GLY B 303 10.02 -3.89 0.68
CA GLY B 303 9.84 -2.91 1.73
C GLY B 303 9.69 -1.49 1.20
N LYS B 304 9.22 -1.34 -0.04
CA LYS B 304 8.92 -0.03 -0.62
C LYS B 304 10.13 0.89 -0.49
N GLU B 305 9.96 2.02 0.20
CA GLU B 305 11.00 3.05 0.26
C GLU B 305 12.26 2.53 0.96
N ALA B 306 12.14 1.41 1.69
CA ALA B 306 13.27 0.77 2.34
C ALA B 306 14.08 -0.10 1.37
N GLU B 307 13.43 -0.56 0.30
CA GLU B 307 14.08 -1.22 -0.83
C GLU B 307 14.62 -2.61 -0.50
N ASN B 308 14.19 -3.19 0.62
CA ASN B 308 14.64 -4.51 1.02
C ASN B 308 13.66 -5.58 0.54
N ILE B 309 14.16 -6.81 0.38
CA ILE B 309 13.29 -7.94 0.17
C ILE B 309 12.88 -8.45 1.54
N VAL B 310 11.56 -8.47 1.81
CA VAL B 310 11.03 -8.89 3.09
C VAL B 310 11.03 -10.41 3.13
N LYS B 311 10.34 -11.03 2.16
CA LYS B 311 10.28 -12.48 2.04
C LYS B 311 10.48 -12.87 0.58
N PRO B 312 11.22 -13.96 0.28
CA PRO B 312 11.32 -14.48 -1.08
C PRO B 312 9.98 -15.01 -1.57
N GLY B 313 9.91 -15.27 -2.88
CA GLY B 313 8.70 -15.80 -3.49
C GLY B 313 8.84 -17.30 -3.76
N LYS B 314 7.85 -17.83 -4.48
CA LYS B 314 7.85 -19.23 -4.85
C LYS B 314 7.02 -19.43 -6.12
N LEU B 315 7.46 -20.37 -6.96
CA LEU B 315 6.81 -20.66 -8.22
C LEU B 315 6.59 -22.16 -8.35
N ASP B 316 5.37 -22.52 -8.76
CA ASP B 316 5.04 -23.90 -9.09
C ASP B 316 4.33 -23.93 -10.44
N VAL B 317 4.77 -24.84 -11.32
CA VAL B 317 4.22 -24.96 -12.67
C VAL B 317 4.10 -26.44 -13.03
N GLN B 318 2.87 -26.81 -13.42
CA GLN B 318 2.57 -28.11 -13.99
C GLN B 318 2.24 -27.92 -15.47
N MET B 319 2.68 -28.86 -16.30
CA MET B 319 2.46 -28.84 -17.73
C MET B 319 1.78 -30.15 -18.13
N GLU B 320 0.70 -30.02 -18.91
CA GLU B 320 -0.11 -31.18 -19.28
C GLU B 320 -0.51 -31.06 -20.75
N TYR B 321 -0.50 -32.20 -21.45
CA TYR B 321 -0.87 -32.25 -22.84
C TYR B 321 -1.07 -33.71 -23.25
N THR B 322 -1.78 -33.88 -24.36
CA THR B 322 -1.96 -35.18 -24.96
C THR B 322 -1.32 -35.12 -26.33
N ASP B 323 -0.34 -36.00 -26.59
CA ASP B 323 0.34 -35.98 -27.87
C ASP B 323 0.15 -37.34 -28.56
N LYS B 324 1.18 -38.20 -28.48
CA LYS B 324 1.25 -39.39 -29.31
C LYS B 324 0.51 -40.54 -28.62
N LYS B 325 -0.81 -40.42 -28.55
CA LYS B 325 -1.67 -41.40 -27.88
C LYS B 325 -1.23 -41.60 -26.42
N LYS B 326 -0.79 -40.51 -25.78
CA LYS B 326 -0.32 -40.53 -24.40
C LYS B 326 -0.60 -39.17 -23.77
N THR B 327 -1.21 -39.15 -22.57
CA THR B 327 -1.32 -37.93 -21.80
C THR B 327 -0.06 -37.78 -20.97
N VAL B 328 0.52 -36.57 -20.99
CA VAL B 328 1.76 -36.29 -20.30
C VAL B 328 1.47 -35.22 -19.26
N LYS B 329 2.01 -35.41 -18.05
CA LYS B 329 1.90 -34.43 -17.00
C LYS B 329 3.29 -34.30 -16.37
N GLU B 330 3.86 -33.09 -16.45
CA GLU B 330 5.23 -32.84 -16.02
C GLU B 330 5.25 -31.67 -15.04
N HIS B 331 5.84 -31.91 -13.87
CA HIS B 331 5.99 -30.90 -12.84
C HIS B 331 7.24 -30.06 -13.14
N ILE B 332 7.15 -29.19 -14.15
CA ILE B 332 8.33 -28.60 -14.78
C ILE B 332 8.96 -27.52 -13.89
N VAL B 333 8.17 -26.88 -13.02
CA VAL B 333 8.71 -26.03 -11.97
C VAL B 333 8.18 -26.57 -10.64
N ASN B 334 9.04 -27.32 -9.95
CA ASN B 334 8.62 -28.09 -8.80
C ASN B 334 8.79 -27.27 -7.52
N ASN B 335 7.80 -26.41 -7.25
CA ASN B 335 7.71 -25.64 -6.03
C ASN B 335 9.06 -25.02 -5.66
N GLU B 336 9.54 -24.10 -6.50
CA GLU B 336 10.88 -23.57 -6.35
C GLU B 336 10.83 -22.21 -5.64
N VAL B 337 11.65 -22.06 -4.60
CA VAL B 337 11.91 -20.74 -4.03
C VAL B 337 12.58 -19.90 -5.10
N ILE B 338 12.06 -18.68 -5.31
CA ILE B 338 12.49 -17.84 -6.41
C ILE B 338 12.14 -16.38 -6.11
N GLN B 339 12.96 -15.46 -6.64
CA GLN B 339 12.64 -14.04 -6.56
C GLN B 339 11.77 -13.65 -7.75
N ILE B 340 10.61 -13.06 -7.46
CA ILE B 340 9.63 -12.80 -8.51
C ILE B 340 8.71 -11.65 -8.09
N GLY B 341 8.77 -10.53 -8.81
CA GLY B 341 7.89 -9.40 -8.55
C GLY B 341 8.60 -8.07 -8.77
N ARG B 342 7.98 -7.00 -8.29
CA ARG B 342 8.51 -5.65 -8.37
C ARG B 342 8.17 -4.86 -7.10
N ASN B 343 9.09 -4.00 -6.69
CA ASN B 343 8.88 -3.14 -5.54
C ASN B 343 8.06 -1.92 -5.99
N ASP B 344 6.74 -2.09 -6.08
CA ASP B 344 5.80 -1.03 -6.38
C ASP B 344 4.65 -1.08 -5.38
N ASP B 345 3.80 -0.04 -5.40
CA ASP B 345 2.61 -0.01 -4.56
C ASP B 345 1.61 -1.06 -5.04
N ASP B 346 1.38 -1.06 -6.35
CA ASP B 346 0.38 -1.91 -6.97
C ASP B 346 1.03 -3.21 -7.43
N GLY B 347 0.16 -4.20 -7.70
CA GLY B 347 0.55 -5.58 -7.93
C GLY B 347 0.69 -5.92 -9.41
N TYR B 348 0.10 -7.06 -9.81
CA TYR B 348 0.44 -7.71 -11.07
C TYR B 348 -0.82 -8.13 -11.82
N TYR B 349 -0.73 -8.10 -13.17
CA TYR B 349 -1.84 -8.49 -14.02
C TYR B 349 -1.34 -9.40 -15.14
N PHE B 350 -2.26 -10.23 -15.63
CA PHE B 350 -1.96 -11.26 -16.59
C PHE B 350 -2.23 -10.76 -18.00
N LYS B 351 -1.35 -11.12 -18.94
CA LYS B 351 -1.56 -10.94 -20.36
C LYS B 351 -1.11 -12.21 -21.07
N PHE B 352 -1.78 -12.53 -22.19
CA PHE B 352 -1.26 -13.54 -23.10
C PHE B 352 -1.45 -13.06 -24.55
N GLY B 353 -0.74 -13.74 -25.45
CA GLY B 353 -0.74 -13.41 -26.87
C GLY B 353 0.68 -13.42 -27.42
N ILE B 354 1.03 -12.36 -28.14
CA ILE B 354 2.35 -12.24 -28.72
C ILE B 354 2.97 -10.94 -28.24
N TYR B 355 4.16 -11.06 -27.66
CA TYR B 355 5.04 -9.94 -27.45
C TYR B 355 6.39 -10.31 -28.03
N ARG B 356 6.70 -9.73 -29.19
CA ARG B 356 7.86 -10.16 -29.95
C ARG B 356 9.04 -9.26 -29.57
N VAL B 357 10.03 -9.87 -28.91
CA VAL B 357 11.13 -9.17 -28.28
C VAL B 357 12.45 -9.60 -28.91
N GLY B 358 13.56 -9.00 -28.45
CA GLY B 358 14.89 -9.36 -28.91
C GLY B 358 15.19 -8.82 -30.31
N ASN B 359 14.49 -7.75 -30.70
CA ASN B 359 14.64 -7.12 -32.01
C ASN B 359 14.34 -8.10 -33.14
N SER B 360 13.22 -8.84 -33.03
CA SER B 360 12.90 -9.92 -33.94
C SER B 360 11.73 -9.52 -34.85
N THR B 361 11.80 -9.93 -36.12
CA THR B 361 10.68 -9.83 -37.05
C THR B 361 10.31 -11.20 -37.62
N VAL B 362 10.78 -12.28 -36.99
CA VAL B 362 10.38 -13.62 -37.40
C VAL B 362 8.88 -13.78 -37.13
N PRO B 363 8.07 -14.23 -38.11
CA PRO B 363 6.63 -14.34 -37.93
C PRO B 363 6.26 -15.23 -36.75
N VAL B 364 5.12 -14.90 -36.12
CA VAL B 364 4.64 -15.61 -34.95
C VAL B 364 3.13 -15.81 -35.10
N CYS B 365 2.69 -17.07 -34.92
CA CYS B 365 1.28 -17.40 -34.95
C CYS B 365 1.04 -18.63 -34.08
N TYR B 366 0.13 -18.47 -33.10
CA TYR B 366 -0.32 -19.55 -32.26
C TYR B 366 -1.67 -19.15 -31.64
N ASN B 367 -2.25 -20.07 -30.88
CA ASN B 367 -3.54 -19.85 -30.25
C ASN B 367 -3.40 -19.96 -28.73
N LEU B 368 -4.26 -19.22 -28.03
CA LEU B 368 -4.36 -19.29 -26.58
C LEU B 368 -5.82 -19.40 -26.18
N ALA B 369 -6.05 -20.07 -25.04
CA ALA B 369 -7.39 -20.30 -24.51
C ALA B 369 -7.35 -20.74 -23.04
N GLY B 370 -8.54 -20.87 -22.47
CA GLY B 370 -8.74 -21.59 -21.23
C GLY B 370 -8.12 -20.90 -20.01
N TYR B 371 -8.18 -19.56 -19.98
CA TYR B 371 -7.59 -18.81 -18.89
C TYR B 371 -8.50 -18.81 -17.66
N LYS B 372 -7.89 -18.98 -16.50
CA LYS B 372 -8.60 -18.85 -15.23
C LYS B 372 -7.61 -18.41 -14.16
N GLU B 373 -8.04 -17.52 -13.26
CA GLU B 373 -7.24 -17.17 -12.09
C GLU B 373 -8.14 -17.24 -10.85
N GLU B 374 -7.59 -17.62 -9.69
CA GLU B 374 -8.41 -17.81 -8.50
C GLU B 374 -7.61 -17.49 -7.21
#